data_1WY7
#
_entry.id   1WY7
#
_cell.length_a   206.975
_cell.length_b   43.141
_cell.length_c   118.240
_cell.angle_alpha   90.00
_cell.angle_beta   92.08
_cell.angle_gamma   90.00
#
_symmetry.space_group_name_H-M   'C 1 2 1'
#
loop_
_entity.id
_entity.type
_entity.pdbx_description
1 polymer 'hypothetical protein PH1948'
2 non-polymer S-ADENOSYL-L-HOMOCYSTEINE
3 water water
#
_entity_poly.entity_id   1
_entity_poly.type   'polypeptide(L)'
_entity_poly.pdbx_seq_one_letter_code
;(MSE)(MSE)TRKKELAIALSKLKGFKNPKVWLEQYRTPGNAASELLWLAYSLGDIEGKVVADLGAGTGVLSYGALLLGA
KEVICVEVDKEAVDVLIENLGEFKGKFKVFIGDVSEFNSRVDIVI(MSE)NPPFGSQRKHADRPFLLKAFEISDVVYSIH
LAKPEVRRFIEKFSWEHGFVVTHRLTTKIEIPLQFFFHRKKLERITVDIYRFSKVINSR
;
_entity_poly.pdbx_strand_id   A,B,C,D
#
loop_
_chem_comp.id
_chem_comp.type
_chem_comp.name
_chem_comp.formula
SAH non-polymer S-ADENOSYL-L-HOMOCYSTEINE 'C14 H20 N6 O5 S'
#
# COMPACT_ATOMS: atom_id res chain seq x y z
N ARG A 4 15.72 -1.03 7.42
CA ARG A 4 14.27 -1.33 7.24
C ARG A 4 13.73 -0.62 6.02
N LYS A 5 14.59 0.15 5.36
CA LYS A 5 14.24 0.92 4.17
C LYS A 5 13.05 0.31 3.43
N LYS A 6 11.92 0.98 3.53
CA LYS A 6 10.70 0.53 2.85
C LYS A 6 10.87 0.68 1.33
N GLU A 7 11.77 1.56 0.90
CA GLU A 7 12.04 1.73 -0.53
C GLU A 7 12.65 0.45 -1.08
N LEU A 8 13.58 -0.11 -0.31
CA LEU A 8 14.26 -1.34 -0.70
C LEU A 8 13.23 -2.48 -0.78
N ALA A 9 12.38 -2.57 0.23
CA ALA A 9 11.35 -3.61 0.26
C ALA A 9 10.47 -3.52 -0.97
N ILE A 10 10.10 -2.30 -1.33
CA ILE A 10 9.25 -2.06 -2.50
C ILE A 10 9.94 -2.52 -3.77
N ALA A 11 11.19 -2.11 -3.91
CA ALA A 11 11.96 -2.49 -5.09
C ALA A 11 12.17 -4.01 -5.17
N LEU A 12 12.38 -4.64 -4.01
CA LEU A 12 12.58 -6.09 -3.98
C LEU A 12 11.31 -6.84 -4.35
N SER A 13 10.15 -6.27 -4.02
CA SER A 13 8.86 -6.92 -4.31
C SER A 13 8.53 -6.93 -5.80
N LYS A 14 9.24 -6.12 -6.57
CA LYS A 14 9.00 -6.04 -8.01
C LYS A 14 9.69 -7.13 -8.82
N LEU A 15 10.55 -7.92 -8.18
CA LEU A 15 11.24 -9.01 -8.86
C LEU A 15 10.29 -10.16 -9.17
N LYS A 16 10.62 -10.93 -10.21
CA LYS A 16 9.81 -12.07 -10.61
C LYS A 16 9.93 -13.20 -9.59
N GLY A 17 8.84 -13.95 -9.38
CA GLY A 17 8.86 -15.06 -8.44
C GLY A 17 9.11 -16.40 -9.13
N PHE A 18 8.99 -17.49 -8.38
CA PHE A 18 9.21 -18.84 -8.93
C PHE A 18 8.18 -19.21 -10.00
N LYS A 19 8.65 -19.82 -11.07
CA LYS A 19 7.80 -20.27 -12.17
C LYS A 19 6.79 -21.32 -11.69
N ASN A 20 7.32 -22.38 -11.08
CA ASN A 20 6.49 -23.46 -10.55
C ASN A 20 7.13 -23.94 -9.27
N PRO A 21 6.82 -23.27 -8.16
CA PRO A 21 7.37 -23.58 -6.83
C PRO A 21 7.32 -25.05 -6.43
N LYS A 22 8.46 -25.58 -6.02
CA LYS A 22 8.56 -26.95 -5.57
C LYS A 22 8.45 -26.86 -4.05
N VAL A 23 7.29 -27.20 -3.51
CA VAL A 23 7.08 -27.07 -2.08
C VAL A 23 8.03 -27.90 -1.21
N TRP A 24 8.43 -29.07 -1.70
CA TRP A 24 9.32 -29.93 -0.92
C TRP A 24 10.70 -29.30 -0.77
N LEU A 25 10.95 -28.22 -1.51
CA LEU A 25 12.20 -27.51 -1.43
C LEU A 25 11.95 -26.14 -0.79
N GLU A 26 10.74 -25.95 -0.27
CA GLU A 26 10.33 -24.71 0.36
C GLU A 26 10.63 -23.50 -0.53
N GLN A 27 10.15 -23.53 -1.76
CA GLN A 27 10.41 -22.42 -2.68
C GLN A 27 9.37 -21.31 -2.66
N TYR A 28 9.67 -20.25 -1.91
CA TYR A 28 8.83 -19.07 -1.85
C TYR A 28 9.84 -17.92 -1.82
N ARG A 29 9.59 -16.88 -2.59
CA ARG A 29 10.50 -15.74 -2.63
C ARG A 29 10.57 -15.08 -1.25
N THR A 30 11.75 -14.59 -0.87
CA THR A 30 11.86 -13.94 0.43
C THR A 30 11.02 -12.66 0.40
N PRO A 31 10.03 -12.55 1.29
CA PRO A 31 9.19 -11.35 1.31
C PRO A 31 10.03 -10.06 1.42
N GLY A 32 9.63 -9.03 0.69
CA GLY A 32 10.37 -7.78 0.70
C GLY A 32 10.69 -7.18 2.06
N ASN A 33 9.73 -7.23 2.97
CA ASN A 33 9.97 -6.65 4.30
C ASN A 33 11.08 -7.38 5.05
N ALA A 34 10.98 -8.70 5.15
CA ALA A 34 11.99 -9.48 5.85
C ALA A 34 13.34 -9.31 5.16
N ALA A 35 13.33 -9.40 3.83
CA ALA A 35 14.55 -9.25 3.04
C ALA A 35 15.21 -7.91 3.32
N SER A 36 14.39 -6.84 3.34
CA SER A 36 14.84 -5.48 3.62
C SER A 36 15.49 -5.40 5.00
N GLU A 37 14.84 -5.99 5.99
CA GLU A 37 15.37 -5.99 7.35
C GLU A 37 16.74 -6.64 7.43
N LEU A 38 16.84 -7.84 6.88
CA LEU A 38 18.10 -8.56 6.94
C LEU A 38 19.21 -7.78 6.24
N LEU A 39 18.92 -7.29 5.03
CA LEU A 39 19.91 -6.56 4.24
C LEU A 39 20.30 -5.21 4.82
N TRP A 40 19.34 -4.47 5.34
CA TRP A 40 19.64 -3.17 5.92
C TRP A 40 20.52 -3.35 7.13
N LEU A 41 20.20 -4.36 7.95
CA LEU A 41 20.98 -4.65 9.14
C LEU A 41 22.42 -4.94 8.74
N ALA A 42 22.58 -5.85 7.77
CA ALA A 42 23.93 -6.21 7.30
C ALA A 42 24.62 -5.00 6.73
N TYR A 43 23.90 -4.22 5.93
CA TYR A 43 24.50 -3.03 5.32
C TYR A 43 24.94 -2.04 6.39
N SER A 44 24.07 -1.79 7.37
CA SER A 44 24.37 -0.84 8.44
C SER A 44 25.57 -1.24 9.28
N LEU A 45 25.89 -2.53 9.31
CA LEU A 45 27.01 -2.99 10.10
C LEU A 45 28.29 -3.09 9.27
N GLY A 46 28.21 -2.67 8.02
CA GLY A 46 29.37 -2.73 7.14
C GLY A 46 29.61 -4.13 6.59
N ASP A 47 28.59 -4.98 6.58
CA ASP A 47 28.72 -6.35 6.09
C ASP A 47 28.20 -6.59 4.66
N ILE A 48 28.09 -5.53 3.86
CA ILE A 48 27.61 -5.68 2.48
C ILE A 48 28.46 -4.96 1.46
N GLU A 49 28.64 -3.67 1.66
CA GLU A 49 29.38 -2.84 0.74
C GLU A 49 30.82 -3.30 0.51
N GLY A 50 31.13 -3.62 -0.75
CA GLY A 50 32.47 -4.06 -1.10
C GLY A 50 32.82 -5.46 -0.66
N LYS A 51 31.83 -6.21 -0.17
CA LYS A 51 32.09 -7.57 0.29
C LYS A 51 31.72 -8.65 -0.73
N VAL A 52 32.38 -9.81 -0.62
CA VAL A 52 32.08 -10.95 -1.47
C VAL A 52 31.00 -11.69 -0.71
N VAL A 53 29.79 -11.71 -1.25
CA VAL A 53 28.67 -12.34 -0.58
C VAL A 53 28.14 -13.63 -1.21
N ALA A 54 27.85 -14.61 -0.37
CA ALA A 54 27.27 -15.85 -0.84
C ALA A 54 25.82 -15.87 -0.39
N ASP A 55 24.92 -16.14 -1.34
CA ASP A 55 23.48 -16.21 -1.07
C ASP A 55 23.11 -17.70 -1.18
N LEU A 56 23.02 -18.38 -0.03
CA LEU A 56 22.70 -19.81 -0.02
C LEU A 56 21.20 -20.02 -0.16
N GLY A 57 20.82 -20.84 -1.15
CA GLY A 57 19.42 -21.08 -1.44
C GLY A 57 18.89 -19.81 -2.08
N ALA A 58 19.66 -19.27 -3.02
CA ALA A 58 19.34 -18.01 -3.70
C ALA A 58 17.96 -17.90 -4.35
N GLY A 59 17.40 -19.04 -4.76
CA GLY A 59 16.08 -19.04 -5.36
C GLY A 59 15.92 -18.06 -6.51
N THR A 60 14.99 -17.11 -6.36
CA THR A 60 14.75 -16.10 -7.40
C THR A 60 15.73 -14.94 -7.33
N GLY A 61 16.56 -14.91 -6.29
CA GLY A 61 17.55 -13.85 -6.15
C GLY A 61 17.17 -12.58 -5.41
N VAL A 62 16.13 -12.60 -4.58
CA VAL A 62 15.73 -11.40 -3.85
C VAL A 62 16.87 -10.86 -2.97
N LEU A 63 17.45 -11.72 -2.14
CA LEU A 63 18.54 -11.32 -1.26
C LEU A 63 19.77 -10.89 -2.06
N SER A 64 20.05 -11.62 -3.13
CA SER A 64 21.20 -11.33 -3.98
C SER A 64 21.06 -9.95 -4.62
N TYR A 65 19.87 -9.69 -5.16
CA TYR A 65 19.60 -8.41 -5.81
C TYR A 65 19.79 -7.26 -4.82
N GLY A 66 19.20 -7.41 -3.63
CA GLY A 66 19.32 -6.39 -2.60
C GLY A 66 20.76 -6.12 -2.23
N ALA A 67 21.54 -7.19 -2.09
CA ALA A 67 22.95 -7.06 -1.73
C ALA A 67 23.69 -6.28 -2.80
N LEU A 68 23.48 -6.64 -4.07
CA LEU A 68 24.12 -5.96 -5.18
C LEU A 68 23.68 -4.51 -5.16
N LEU A 69 22.38 -4.30 -4.96
CA LEU A 69 21.78 -2.97 -4.90
C LEU A 69 22.46 -2.16 -3.80
N LEU A 70 22.81 -2.82 -2.71
CA LEU A 70 23.45 -2.13 -1.59
C LEU A 70 24.97 -2.05 -1.68
N GLY A 71 25.53 -2.40 -2.83
CA GLY A 71 26.98 -2.28 -3.00
C GLY A 71 27.89 -3.48 -2.82
N ALA A 72 27.34 -4.70 -2.85
CA ALA A 72 28.18 -5.87 -2.69
C ALA A 72 29.16 -5.89 -3.86
N LYS A 73 30.42 -6.24 -3.60
CA LYS A 73 31.41 -6.32 -4.67
C LYS A 73 30.95 -7.39 -5.65
N GLU A 74 30.52 -8.53 -5.12
CA GLU A 74 30.03 -9.62 -5.94
C GLU A 74 29.20 -10.57 -5.08
N VAL A 75 28.31 -11.31 -5.72
CA VAL A 75 27.49 -12.26 -5.02
C VAL A 75 27.59 -13.61 -5.70
N ILE A 76 27.66 -14.67 -4.90
CA ILE A 76 27.71 -16.01 -5.45
C ILE A 76 26.40 -16.67 -5.04
N CYS A 77 25.56 -16.91 -6.03
CA CYS A 77 24.25 -17.50 -5.81
C CYS A 77 24.30 -19.01 -5.83
N VAL A 78 23.94 -19.63 -4.70
CA VAL A 78 23.94 -21.08 -4.58
C VAL A 78 22.50 -21.53 -4.58
N GLU A 79 22.14 -22.33 -5.58
CA GLU A 79 20.78 -22.82 -5.74
C GLU A 79 20.79 -24.19 -6.42
N VAL A 80 20.04 -25.15 -5.87
CA VAL A 80 20.00 -26.51 -6.44
C VAL A 80 19.08 -26.66 -7.64
N ASP A 81 18.09 -25.77 -7.76
CA ASP A 81 17.13 -25.86 -8.83
C ASP A 81 17.34 -24.94 -10.04
N LYS A 82 17.70 -25.53 -11.17
CA LYS A 82 17.94 -24.80 -12.41
C LYS A 82 16.78 -23.88 -12.79
N GLU A 83 15.56 -24.36 -12.62
CA GLU A 83 14.38 -23.57 -12.96
C GLU A 83 14.28 -22.28 -12.15
N ALA A 84 14.86 -22.29 -10.95
CA ALA A 84 14.87 -21.11 -10.11
C ALA A 84 15.96 -20.18 -10.64
N VAL A 85 17.06 -20.76 -11.08
CA VAL A 85 18.17 -20.00 -11.62
C VAL A 85 17.75 -19.20 -12.85
N ASP A 86 16.83 -19.76 -13.65
CA ASP A 86 16.36 -19.04 -14.84
C ASP A 86 15.77 -17.68 -14.42
N VAL A 87 14.98 -17.69 -13.37
CA VAL A 87 14.36 -16.47 -12.84
C VAL A 87 15.43 -15.59 -12.22
N LEU A 88 16.35 -16.23 -11.49
CA LEU A 88 17.45 -15.53 -10.82
C LEU A 88 18.25 -14.69 -11.82
N ILE A 89 18.66 -15.31 -12.92
CA ILE A 89 19.44 -14.62 -13.94
C ILE A 89 18.72 -13.42 -14.51
N GLU A 90 17.43 -13.56 -14.75
CA GLU A 90 16.67 -12.44 -15.29
C GLU A 90 16.54 -11.33 -14.26
N ASN A 91 16.28 -11.71 -13.00
CA ASN A 91 16.13 -10.70 -11.96
C ASN A 91 17.41 -9.88 -11.74
N LEU A 92 18.57 -10.52 -11.82
CA LEU A 92 19.85 -9.84 -11.61
C LEU A 92 20.45 -9.29 -12.91
N GLY A 93 19.63 -9.22 -13.95
CA GLY A 93 20.09 -8.74 -15.25
C GLY A 93 20.87 -7.44 -15.23
N GLU A 94 20.49 -6.48 -14.40
CA GLU A 94 21.18 -5.20 -14.35
C GLU A 94 22.53 -5.23 -13.63
N PHE A 95 22.88 -6.36 -13.05
CA PHE A 95 24.16 -6.46 -12.36
C PHE A 95 25.04 -7.48 -13.06
N LYS A 96 24.81 -7.66 -14.35
CA LYS A 96 25.58 -8.62 -15.11
C LYS A 96 27.07 -8.50 -14.87
N GLY A 97 27.70 -9.65 -14.68
CA GLY A 97 29.13 -9.68 -14.42
C GLY A 97 29.49 -9.51 -12.95
N LYS A 98 28.53 -9.17 -12.11
CA LYS A 98 28.81 -8.97 -10.69
C LYS A 98 28.33 -10.14 -9.81
N PHE A 99 27.71 -11.14 -10.44
CA PHE A 99 27.22 -12.30 -9.71
C PHE A 99 27.58 -13.62 -10.39
N LYS A 100 27.74 -14.67 -9.59
CA LYS A 100 28.06 -15.98 -10.12
C LYS A 100 27.01 -16.96 -9.61
N VAL A 101 26.80 -18.04 -10.36
CA VAL A 101 25.80 -19.02 -9.96
C VAL A 101 26.36 -20.43 -9.80
N PHE A 102 26.06 -21.03 -8.65
CA PHE A 102 26.48 -22.40 -8.39
C PHE A 102 25.23 -23.24 -8.26
N ILE A 103 24.97 -24.04 -9.28
CA ILE A 103 23.80 -24.92 -9.32
C ILE A 103 24.20 -26.29 -8.76
N GLY A 104 23.75 -26.59 -7.56
CA GLY A 104 24.07 -27.86 -6.94
C GLY A 104 23.61 -27.78 -5.50
N ASP A 105 23.79 -28.87 -4.74
CA ASP A 105 23.37 -28.86 -3.35
C ASP A 105 24.28 -27.91 -2.58
N VAL A 106 23.71 -27.25 -1.59
CA VAL A 106 24.46 -26.29 -0.78
C VAL A 106 25.72 -26.92 -0.16
N SER A 107 25.64 -28.20 0.21
CA SER A 107 26.79 -28.85 0.82
C SER A 107 27.97 -29.05 -0.13
N GLU A 108 27.73 -29.01 -1.43
CA GLU A 108 28.80 -29.20 -2.40
C GLU A 108 29.57 -27.93 -2.73
N PHE A 109 29.02 -26.78 -2.34
CA PHE A 109 29.65 -25.49 -2.58
C PHE A 109 30.75 -25.30 -1.53
N ASN A 110 31.93 -24.85 -1.95
CA ASN A 110 32.99 -24.65 -0.98
C ASN A 110 34.01 -23.59 -1.34
N SER A 111 33.52 -22.37 -1.54
CA SER A 111 34.37 -21.24 -1.86
C SER A 111 34.26 -20.32 -0.66
N ARG A 112 35.38 -19.82 -0.18
CA ARG A 112 35.36 -18.92 0.97
C ARG A 112 34.88 -17.53 0.55
N VAL A 113 33.97 -16.96 1.32
CA VAL A 113 33.44 -15.63 1.03
C VAL A 113 33.55 -14.76 2.28
N ASP A 114 33.22 -13.47 2.15
CA ASP A 114 33.26 -12.54 3.28
C ASP A 114 32.00 -12.65 4.13
N ILE A 115 30.85 -12.73 3.47
CA ILE A 115 29.57 -12.79 4.16
C ILE A 115 28.58 -13.79 3.54
N VAL A 116 27.76 -14.39 4.39
CA VAL A 116 26.73 -15.28 3.90
C VAL A 116 25.38 -14.66 4.29
N ILE A 117 24.43 -14.65 3.36
CA ILE A 117 23.09 -14.20 3.65
C ILE A 117 22.23 -15.33 3.12
N MSE A 118 21.16 -15.67 3.83
CA MSE A 118 20.32 -16.75 3.38
C MSE A 118 18.94 -16.82 4.03
O MSE A 118 18.75 -16.42 5.19
CB MSE A 118 21.04 -18.12 3.58
CG MSE A 118 21.46 -18.45 5.03
SE MSE A 118 22.35 -20.05 5.15
CE MSE A 118 22.37 -20.26 6.89
N ASN A 119 18.00 -17.32 3.26
CA ASN A 119 16.61 -17.55 3.67
C ASN A 119 16.52 -19.05 3.34
N PRO A 120 17.17 -19.90 4.16
CA PRO A 120 17.16 -21.35 3.94
C PRO A 120 15.85 -22.01 4.29
N PRO A 121 15.64 -23.25 3.83
CA PRO A 121 14.38 -23.92 4.16
C PRO A 121 14.36 -24.10 5.66
N PHE A 122 13.18 -23.97 6.27
CA PHE A 122 13.07 -24.12 7.72
C PHE A 122 13.14 -25.59 8.15
N GLY A 123 12.95 -26.49 7.19
CA GLY A 123 13.01 -27.90 7.51
C GLY A 123 11.65 -28.44 7.89
N SER A 124 10.59 -27.81 7.39
CA SER A 124 9.25 -28.25 7.69
C SER A 124 8.78 -29.23 6.63
N GLN A 125 9.41 -29.19 5.46
CA GLN A 125 9.05 -30.10 4.37
C GLN A 125 9.93 -31.34 4.41
N ARG A 126 11.16 -31.17 4.90
CA ARG A 126 12.11 -32.28 5.01
C ARG A 126 12.93 -32.11 6.29
N LYS A 127 12.95 -33.15 7.12
CA LYS A 127 13.67 -33.13 8.38
C LYS A 127 15.08 -32.53 8.34
N HIS A 128 15.31 -31.54 9.19
CA HIS A 128 16.63 -30.89 9.29
C HIS A 128 17.19 -30.31 7.99
N ALA A 129 16.33 -29.89 7.07
CA ALA A 129 16.79 -29.35 5.79
C ALA A 129 17.64 -28.10 5.96
N ASP A 130 17.49 -27.41 7.09
CA ASP A 130 18.25 -26.19 7.34
C ASP A 130 19.67 -26.41 7.84
N ARG A 131 19.94 -27.57 8.41
CA ARG A 131 21.29 -27.85 8.94
C ARG A 131 22.40 -27.81 7.91
N PRO A 132 22.18 -28.35 6.70
CA PRO A 132 23.23 -28.32 5.68
C PRO A 132 23.61 -26.86 5.35
N PHE A 133 22.63 -25.97 5.43
CA PHE A 133 22.86 -24.55 5.14
C PHE A 133 23.69 -23.86 6.25
N LEU A 134 23.32 -24.09 7.51
CA LEU A 134 24.04 -23.50 8.62
C LEU A 134 25.46 -24.03 8.66
N LEU A 135 25.62 -25.34 8.48
CA LEU A 135 26.96 -25.95 8.47
C LEU A 135 27.84 -25.32 7.39
N LYS A 136 27.31 -25.24 6.16
CA LYS A 136 28.06 -24.65 5.06
C LYS A 136 28.38 -23.17 5.33
N ALA A 137 27.39 -22.41 5.77
CA ALA A 137 27.59 -20.99 6.07
C ALA A 137 28.72 -20.82 7.09
N PHE A 138 28.67 -21.59 8.17
CA PHE A 138 29.71 -21.50 9.19
C PHE A 138 31.09 -21.90 8.65
N GLU A 139 31.08 -22.81 7.70
CA GLU A 139 32.30 -23.32 7.08
C GLU A 139 32.98 -22.29 6.15
N ILE A 140 32.21 -21.62 5.32
CA ILE A 140 32.77 -20.67 4.35
C ILE A 140 32.87 -19.20 4.71
N SER A 141 32.32 -18.79 5.85
CA SER A 141 32.37 -17.37 6.21
C SER A 141 32.51 -17.16 7.71
N ASP A 142 32.85 -15.94 8.11
CA ASP A 142 32.98 -15.60 9.52
C ASP A 142 31.78 -14.78 10.00
N VAL A 143 30.97 -14.31 9.05
CA VAL A 143 29.75 -13.56 9.36
C VAL A 143 28.57 -14.15 8.57
N VAL A 144 27.53 -14.57 9.27
CA VAL A 144 26.37 -15.19 8.64
C VAL A 144 25.05 -14.51 9.02
N TYR A 145 24.20 -14.26 8.02
CA TYR A 145 22.88 -13.68 8.23
C TYR A 145 21.89 -14.72 7.72
N SER A 146 20.98 -15.15 8.59
CA SER A 146 20.00 -16.15 8.20
C SER A 146 18.63 -15.88 8.78
N ILE A 147 17.63 -16.60 8.27
CA ILE A 147 16.27 -16.43 8.73
C ILE A 147 15.74 -17.78 9.21
N HIS A 148 15.03 -17.77 10.33
CA HIS A 148 14.47 -19.01 10.88
C HIS A 148 13.16 -18.74 11.61
N LEU A 149 12.41 -19.81 11.84
CA LEU A 149 11.14 -19.75 12.54
C LEU A 149 11.30 -19.25 13.98
N ALA A 150 10.53 -18.23 14.33
CA ALA A 150 10.59 -17.66 15.66
C ALA A 150 9.85 -18.56 16.66
N LYS A 151 10.36 -19.76 16.86
CA LYS A 151 9.77 -20.71 17.80
C LYS A 151 10.78 -21.09 18.88
N PRO A 152 10.30 -21.34 20.11
CA PRO A 152 11.15 -21.69 21.24
C PRO A 152 12.14 -22.82 20.93
N GLU A 153 11.66 -23.92 20.36
CA GLU A 153 12.53 -25.06 20.04
C GLU A 153 13.58 -24.67 19.01
N VAL A 154 13.16 -23.97 17.97
CA VAL A 154 14.09 -23.55 16.94
C VAL A 154 15.15 -22.62 17.51
N ARG A 155 14.73 -21.62 18.27
CA ARG A 155 15.66 -20.67 18.88
C ARG A 155 16.70 -21.38 19.73
N ARG A 156 16.24 -22.33 20.54
CA ARG A 156 17.13 -23.11 21.40
C ARG A 156 18.16 -23.85 20.54
N PHE A 157 17.68 -24.49 19.49
CA PHE A 157 18.57 -25.24 18.60
C PHE A 157 19.58 -24.33 17.90
N ILE A 158 19.10 -23.27 17.26
CA ILE A 158 19.98 -22.36 16.56
C ILE A 158 21.09 -21.83 17.46
N GLU A 159 20.73 -21.46 18.68
CA GLU A 159 21.70 -20.93 19.63
C GLU A 159 22.74 -21.99 19.97
N LYS A 160 22.28 -23.22 20.20
CA LYS A 160 23.17 -24.33 20.53
C LYS A 160 24.00 -24.80 19.35
N PHE A 161 23.37 -24.94 18.19
CA PHE A 161 24.08 -25.40 17.00
C PHE A 161 25.19 -24.44 16.58
N SER A 162 24.90 -23.14 16.55
CA SER A 162 25.91 -22.17 16.17
C SER A 162 27.08 -22.19 17.15
N TRP A 163 26.77 -22.34 18.42
CA TRP A 163 27.81 -22.36 19.44
C TRP A 163 28.76 -23.54 19.24
N GLU A 164 28.19 -24.72 19.03
CA GLU A 164 29.00 -25.91 18.83
C GLU A 164 29.89 -25.76 17.62
N HIS A 165 29.55 -24.82 16.73
CA HIS A 165 30.37 -24.61 15.55
C HIS A 165 31.20 -23.35 15.60
N GLY A 166 31.41 -22.84 16.82
CA GLY A 166 32.21 -21.66 17.01
C GLY A 166 31.63 -20.31 16.62
N PHE A 167 30.31 -20.20 16.60
CA PHE A 167 29.65 -18.93 16.25
C PHE A 167 28.70 -18.46 17.33
N VAL A 168 28.58 -17.15 17.45
CA VAL A 168 27.67 -16.55 18.42
C VAL A 168 26.70 -15.60 17.73
N VAL A 169 25.48 -15.57 18.24
CA VAL A 169 24.46 -14.69 17.71
C VAL A 169 24.73 -13.29 18.26
N THR A 170 24.89 -12.31 17.38
CA THR A 170 25.12 -10.93 17.82
C THR A 170 23.83 -10.10 17.71
N HIS A 171 22.97 -10.48 16.76
CA HIS A 171 21.71 -9.79 16.54
C HIS A 171 20.62 -10.78 16.17
N ARG A 172 19.40 -10.47 16.59
CA ARG A 172 18.25 -11.30 16.24
C ARG A 172 17.06 -10.36 16.19
N LEU A 173 16.52 -10.16 15.00
CA LEU A 173 15.37 -9.29 14.81
C LEU A 173 14.17 -10.17 14.52
N THR A 174 13.05 -9.88 15.16
CA THR A 174 11.86 -10.67 14.96
C THR A 174 10.78 -9.89 14.19
N THR A 175 10.27 -10.50 13.12
CA THR A 175 9.24 -9.90 12.28
C THR A 175 8.27 -10.94 11.75
N LYS A 176 7.10 -10.46 11.32
CA LYS A 176 6.08 -11.33 10.77
C LYS A 176 6.11 -11.16 9.27
N ILE A 177 6.12 -12.27 8.54
CA ILE A 177 6.11 -12.19 7.09
C ILE A 177 4.83 -12.82 6.58
N GLU A 178 4.51 -12.55 5.33
CA GLU A 178 3.32 -13.12 4.72
C GLU A 178 3.72 -13.78 3.43
N ILE A 179 3.50 -15.09 3.35
CA ILE A 179 3.85 -15.80 2.14
C ILE A 179 2.54 -16.09 1.43
N PRO A 180 2.30 -15.39 0.31
CA PRO A 180 1.09 -15.55 -0.51
C PRO A 180 0.89 -16.99 -0.96
N HIS A 186 -4.93 -17.88 -8.32
CA HIS A 186 -4.53 -16.57 -8.88
C HIS A 186 -4.20 -15.59 -7.79
N ARG A 187 -5.06 -15.38 -6.84
CA ARG A 187 -4.91 -14.24 -6.02
C ARG A 187 -5.40 -14.46 -4.62
N LYS A 188 -4.71 -15.22 -3.88
CA LYS A 188 -5.37 -15.37 -2.67
C LYS A 188 -4.43 -15.45 -1.46
N LYS A 189 -5.05 -15.60 -0.29
CA LYS A 189 -4.48 -15.53 1.10
C LYS A 189 -3.01 -15.76 1.41
N LEU A 190 -2.60 -15.07 2.48
CA LEU A 190 -1.19 -15.15 2.92
C LEU A 190 -1.02 -16.09 4.11
N GLU A 191 0.15 -16.70 4.18
CA GLU A 191 0.51 -17.57 5.29
C GLU A 191 1.36 -16.63 6.15
N ARG A 192 0.83 -16.20 7.30
CA ARG A 192 1.56 -15.27 8.16
C ARG A 192 2.33 -15.97 9.27
N ILE A 193 3.65 -15.98 9.16
CA ILE A 193 4.50 -16.59 10.17
C ILE A 193 5.44 -15.56 10.78
N THR A 194 5.96 -15.89 11.95
CA THR A 194 6.89 -15.02 12.61
C THR A 194 8.27 -15.63 12.51
N VAL A 195 9.21 -14.87 11.98
CA VAL A 195 10.59 -15.36 11.83
C VAL A 195 11.59 -14.47 12.56
N ASP A 196 12.76 -15.02 12.82
CA ASP A 196 13.86 -14.31 13.45
C ASP A 196 14.91 -14.16 12.36
N ILE A 197 15.51 -12.98 12.30
CA ILE A 197 16.58 -12.73 11.35
C ILE A 197 17.82 -12.72 12.25
N TYR A 198 18.73 -13.66 12.00
CA TYR A 198 19.93 -13.76 12.81
C TYR A 198 21.18 -13.24 12.15
N ARG A 199 22.12 -12.83 12.98
CA ARG A 199 23.44 -12.42 12.54
C ARG A 199 24.38 -13.21 13.44
N PHE A 200 25.17 -14.10 12.84
CA PHE A 200 26.12 -14.93 13.57
C PHE A 200 27.52 -14.40 13.29
N SER A 201 28.40 -14.44 14.29
CA SER A 201 29.77 -13.97 14.12
C SER A 201 30.70 -15.05 14.69
N LYS A 202 31.78 -15.37 14.00
CA LYS A 202 32.71 -16.40 14.48
C LYS A 202 33.43 -15.98 15.75
N VAL A 203 33.29 -16.76 16.82
CA VAL A 203 33.90 -16.45 18.11
C VAL A 203 35.38 -16.08 17.94
N ILE A 204 35.73 -14.89 18.44
CA ILE A 204 37.07 -14.34 18.32
C ILE A 204 37.47 -14.33 16.85
N MSE B 2 -13.09 -3.03 -8.63
CA MSE B 2 -11.89 -2.85 -7.76
C MSE B 2 -11.34 -4.22 -7.36
O MSE B 2 -10.39 -4.32 -6.58
CB MSE B 2 -12.25 -2.06 -6.49
CG MSE B 2 -12.74 -0.63 -6.75
SE MSE B 2 -14.45 -0.51 -7.33
CE MSE B 2 -14.25 -0.41 -9.10
N THR B 3 -11.94 -5.26 -7.93
CA THR B 3 -11.55 -6.65 -7.66
C THR B 3 -10.20 -6.98 -8.33
N ARG B 4 -10.25 -7.59 -9.51
CA ARG B 4 -9.03 -7.93 -10.23
C ARG B 4 -8.40 -6.63 -10.71
N LYS B 5 -9.04 -5.51 -10.40
CA LYS B 5 -8.56 -4.21 -10.81
C LYS B 5 -7.33 -3.75 -10.01
N LYS B 6 -7.35 -3.92 -8.68
CA LYS B 6 -6.20 -3.51 -7.89
C LYS B 6 -5.05 -4.49 -8.15
N GLU B 7 -5.38 -5.72 -8.52
CA GLU B 7 -4.36 -6.71 -8.83
C GLU B 7 -3.61 -6.27 -10.09
N LEU B 8 -4.35 -5.77 -11.08
CA LEU B 8 -3.76 -5.31 -12.32
C LEU B 8 -2.87 -4.11 -12.04
N ALA B 9 -3.36 -3.18 -11.23
CA ALA B 9 -2.59 -1.99 -10.89
C ALA B 9 -1.25 -2.38 -10.25
N ILE B 10 -1.31 -3.35 -9.34
CA ILE B 10 -0.12 -3.84 -8.65
C ILE B 10 0.87 -4.42 -9.65
N ALA B 11 0.37 -5.29 -10.53
CA ALA B 11 1.19 -5.91 -11.54
C ALA B 11 1.79 -4.87 -12.50
N LEU B 12 1.01 -3.85 -12.85
CA LEU B 12 1.50 -2.80 -13.75
C LEU B 12 2.59 -1.95 -13.12
N SER B 13 2.52 -1.77 -11.79
CA SER B 13 3.50 -0.97 -11.07
C SER B 13 4.87 -1.64 -10.99
N LYS B 14 4.91 -2.94 -11.27
CA LYS B 14 6.15 -3.70 -11.22
C LYS B 14 7.05 -3.52 -12.45
N LEU B 15 6.50 -2.93 -13.51
CA LEU B 15 7.25 -2.72 -14.74
C LEU B 15 8.33 -1.64 -14.58
N LYS B 16 9.41 -1.74 -15.37
CA LYS B 16 10.50 -0.76 -15.33
C LYS B 16 10.05 0.60 -15.88
N GLY B 17 10.59 1.68 -15.30
CA GLY B 17 10.25 3.02 -15.74
C GLY B 17 11.25 3.57 -16.74
N PHE B 18 11.12 4.85 -17.10
CA PHE B 18 12.05 5.48 -18.06
C PHE B 18 13.47 5.59 -17.52
N LYS B 19 14.45 5.28 -18.36
CA LYS B 19 15.85 5.35 -17.95
C LYS B 19 16.26 6.80 -17.64
N ASN B 20 15.98 7.71 -18.55
CA ASN B 20 16.27 9.13 -18.33
C ASN B 20 15.14 9.93 -18.94
N PRO B 21 14.05 10.10 -18.20
CA PRO B 21 12.89 10.85 -18.68
C PRO B 21 13.15 12.22 -19.27
N LYS B 22 12.61 12.43 -20.46
CA LYS B 22 12.74 13.70 -21.16
C LYS B 22 11.47 14.46 -20.83
N VAL B 23 11.59 15.43 -19.93
CA VAL B 23 10.43 16.19 -19.51
C VAL B 23 9.69 16.92 -20.63
N TRP B 24 10.43 17.41 -21.62
CA TRP B 24 9.79 18.13 -22.73
C TRP B 24 8.89 17.22 -23.57
N LEU B 25 8.99 15.92 -23.30
CA LEU B 25 8.16 14.93 -24.00
C LEU B 25 7.17 14.34 -22.99
N GLU B 26 7.11 14.95 -21.80
CA GLU B 26 6.24 14.50 -20.73
C GLU B 26 6.36 12.99 -20.50
N GLN B 27 7.59 12.52 -20.26
CA GLN B 27 7.82 11.10 -20.04
C GLN B 27 7.72 10.65 -18.59
N TYR B 28 6.57 10.13 -18.22
CA TYR B 28 6.34 9.58 -16.89
C TYR B 28 5.48 8.36 -17.17
N ARG B 29 5.79 7.24 -16.51
CA ARG B 29 5.03 6.01 -16.71
C ARG B 29 3.60 6.22 -16.25
N THR B 30 2.64 5.60 -16.94
CA THR B 30 1.25 5.76 -16.54
C THR B 30 1.08 5.09 -15.18
N PRO B 31 0.64 5.85 -14.16
CA PRO B 31 0.46 5.24 -12.83
C PRO B 31 -0.46 4.02 -12.89
N GLY B 32 -0.11 2.99 -12.15
CA GLY B 32 -0.91 1.77 -12.15
C GLY B 32 -2.41 1.91 -11.91
N ASN B 33 -2.80 2.80 -11.01
CA ASN B 33 -4.22 2.98 -10.73
C ASN B 33 -4.97 3.53 -11.93
N ALA B 34 -4.49 4.63 -12.51
CA ALA B 34 -5.16 5.20 -13.67
C ALA B 34 -5.13 4.20 -14.82
N ALA B 35 -3.96 3.60 -15.05
CA ALA B 35 -3.81 2.61 -16.12
C ALA B 35 -4.84 1.48 -15.95
N SER B 36 -4.96 1.03 -14.71
CA SER B 36 -5.89 -0.02 -14.33
C SER B 36 -7.33 0.37 -14.65
N GLU B 37 -7.72 1.60 -14.30
CA GLU B 37 -9.07 2.11 -14.56
C GLU B 37 -9.38 2.13 -16.05
N LEU B 38 -8.49 2.73 -16.83
CA LEU B 38 -8.69 2.82 -18.27
C LEU B 38 -8.82 1.43 -18.91
N LEU B 39 -7.91 0.53 -18.57
CA LEU B 39 -7.90 -0.82 -19.15
C LEU B 39 -9.08 -1.66 -18.72
N TRP B 40 -9.44 -1.59 -17.44
CA TRP B 40 -10.55 -2.36 -16.95
C TRP B 40 -11.84 -1.89 -17.62
N LEU B 41 -11.99 -0.58 -17.75
CA LEU B 41 -13.17 -0.03 -18.43
C LEU B 41 -13.24 -0.57 -19.85
N ALA B 42 -12.14 -0.45 -20.59
CA ALA B 42 -12.11 -0.93 -21.98
C ALA B 42 -12.37 -2.43 -22.03
N TYR B 43 -11.77 -3.17 -21.10
CA TYR B 43 -11.96 -4.60 -21.08
C TYR B 43 -13.41 -4.95 -20.81
N SER B 44 -14.01 -4.29 -19.82
CA SER B 44 -15.38 -4.56 -19.46
C SER B 44 -16.38 -4.26 -20.56
N LEU B 45 -16.01 -3.37 -21.49
CA LEU B 45 -16.91 -3.02 -22.58
C LEU B 45 -16.64 -3.86 -23.82
N GLY B 46 -15.72 -4.81 -23.71
CA GLY B 46 -15.39 -5.66 -24.84
C GLY B 46 -14.45 -5.00 -25.83
N ASP B 47 -13.72 -3.97 -25.38
CA ASP B 47 -12.81 -3.25 -26.26
C ASP B 47 -11.34 -3.63 -26.14
N ILE B 48 -11.06 -4.84 -25.63
CA ILE B 48 -9.68 -5.28 -25.49
C ILE B 48 -9.42 -6.70 -25.98
N GLU B 49 -10.15 -7.65 -25.41
CA GLU B 49 -9.99 -9.05 -25.76
C GLU B 49 -10.18 -9.34 -27.25
N GLY B 50 -9.14 -9.90 -27.86
CA GLY B 50 -9.17 -10.24 -29.27
C GLY B 50 -9.09 -9.06 -30.22
N LYS B 51 -8.83 -7.87 -29.69
CA LYS B 51 -8.76 -6.67 -30.52
C LYS B 51 -7.33 -6.26 -30.91
N VAL B 52 -7.22 -5.54 -32.02
CA VAL B 52 -5.93 -5.02 -32.47
C VAL B 52 -5.86 -3.65 -31.82
N VAL B 53 -4.94 -3.50 -30.88
CA VAL B 53 -4.81 -2.24 -30.15
C VAL B 53 -3.59 -1.40 -30.46
N ALA B 54 -3.78 -0.08 -30.58
CA ALA B 54 -2.68 0.83 -30.81
C ALA B 54 -2.48 1.63 -29.53
N ASP B 55 -1.25 1.65 -29.03
CA ASP B 55 -0.92 2.39 -27.81
C ASP B 55 -0.09 3.58 -28.27
N LEU B 56 -0.72 4.74 -28.36
CA LEU B 56 -0.03 5.95 -28.81
C LEU B 56 0.74 6.60 -27.67
N GLY B 57 2.04 6.81 -27.89
CA GLY B 57 2.88 7.38 -26.86
C GLY B 57 3.10 6.25 -25.85
N ALA B 58 3.38 5.06 -26.38
CA ALA B 58 3.57 3.86 -25.55
C ALA B 58 4.57 3.97 -24.41
N GLY B 59 5.58 4.82 -24.57
CA GLY B 59 6.58 4.99 -23.52
C GLY B 59 7.20 3.69 -23.03
N THR B 60 7.03 3.40 -21.74
CA THR B 60 7.57 2.18 -21.13
C THR B 60 6.69 0.96 -21.39
N GLY B 61 5.48 1.19 -21.92
CA GLY B 61 4.58 0.10 -22.22
C GLY B 61 3.59 -0.35 -21.16
N VAL B 62 3.32 0.46 -20.16
CA VAL B 62 2.37 0.06 -19.13
C VAL B 62 0.98 -0.26 -19.70
N LEU B 63 0.44 0.62 -20.55
CA LEU B 63 -0.87 0.38 -21.13
C LEU B 63 -0.85 -0.81 -22.07
N SER B 64 0.22 -0.96 -22.83
CA SER B 64 0.36 -2.07 -23.77
C SER B 64 0.42 -3.38 -23.02
N TYR B 65 1.21 -3.41 -21.96
CA TYR B 65 1.36 -4.62 -21.16
C TYR B 65 0.00 -5.03 -20.59
N GLY B 66 -0.72 -4.08 -20.01
CA GLY B 66 -2.02 -4.37 -19.46
C GLY B 66 -2.99 -4.91 -20.50
N ALA B 67 -2.99 -4.29 -21.69
CA ALA B 67 -3.88 -4.74 -22.75
C ALA B 67 -3.55 -6.19 -23.14
N LEU B 68 -2.26 -6.49 -23.33
CA LEU B 68 -1.85 -7.85 -23.67
C LEU B 68 -2.30 -8.77 -22.55
N LEU B 69 -2.05 -8.34 -21.32
CA LEU B 69 -2.40 -9.09 -20.11
C LEU B 69 -3.90 -9.39 -20.12
N LEU B 70 -4.69 -8.42 -20.61
CA LEU B 70 -6.13 -8.60 -20.65
C LEU B 70 -6.66 -9.27 -21.92
N GLY B 71 -5.78 -9.82 -22.73
CA GLY B 71 -6.22 -10.54 -23.92
C GLY B 71 -6.24 -9.86 -25.28
N ALA B 72 -5.50 -8.77 -25.45
CA ALA B 72 -5.47 -8.10 -26.74
C ALA B 72 -4.85 -9.06 -27.74
N LYS B 73 -5.41 -9.12 -28.95
CA LYS B 73 -4.84 -10.01 -29.94
C LYS B 73 -3.42 -9.54 -30.24
N GLU B 74 -3.26 -8.23 -30.40
CA GLU B 74 -1.95 -7.66 -30.67
C GLU B 74 -1.97 -6.19 -30.33
N VAL B 75 -0.81 -5.63 -30.03
CA VAL B 75 -0.71 -4.22 -29.71
C VAL B 75 0.37 -3.59 -30.59
N ILE B 76 0.09 -2.39 -31.09
CA ILE B 76 1.07 -1.67 -31.89
C ILE B 76 1.50 -0.48 -31.04
N CYS B 77 2.74 -0.53 -30.59
CA CYS B 77 3.30 0.51 -29.74
C CYS B 77 3.90 1.65 -30.56
N VAL B 78 3.34 2.84 -30.42
CA VAL B 78 3.83 4.02 -31.14
C VAL B 78 4.53 4.92 -30.14
N GLU B 79 5.83 5.12 -30.36
CA GLU B 79 6.67 5.90 -29.46
C GLU B 79 7.80 6.58 -30.26
N VAL B 80 7.99 7.88 -30.04
CA VAL B 80 9.01 8.62 -30.77
C VAL B 80 10.42 8.44 -30.23
N ASP B 81 10.54 8.06 -28.96
CA ASP B 81 11.84 7.92 -28.33
C ASP B 81 12.39 6.50 -28.23
N LYS B 82 13.46 6.23 -28.96
CA LYS B 82 14.12 4.92 -28.97
C LYS B 82 14.47 4.44 -27.56
N GLU B 83 14.98 5.36 -26.73
CA GLU B 83 15.37 5.03 -25.36
C GLU B 83 14.21 4.49 -24.53
N ALA B 84 13.00 4.94 -24.86
CA ALA B 84 11.82 4.48 -24.16
C ALA B 84 11.47 3.10 -24.68
N VAL B 85 11.67 2.90 -25.98
CA VAL B 85 11.37 1.61 -26.60
C VAL B 85 12.25 0.50 -26.00
N ASP B 86 13.49 0.83 -25.63
CA ASP B 86 14.38 -0.17 -25.03
C ASP B 86 13.71 -0.75 -23.79
N VAL B 87 13.13 0.12 -22.97
CA VAL B 87 12.43 -0.30 -21.75
C VAL B 87 11.15 -1.04 -22.12
N LEU B 88 10.46 -0.53 -23.13
CA LEU B 88 9.21 -1.12 -23.62
C LEU B 88 9.40 -2.59 -23.99
N ILE B 89 10.39 -2.85 -24.83
CA ILE B 89 10.66 -4.22 -25.29
C ILE B 89 10.93 -5.16 -24.14
N GLU B 90 11.67 -4.67 -23.14
CA GLU B 90 12.00 -5.47 -21.98
C GLU B 90 10.74 -5.76 -21.17
N ASN B 91 9.93 -4.73 -20.93
CA ASN B 91 8.71 -4.92 -20.16
C ASN B 91 7.70 -5.87 -20.81
N LEU B 92 7.61 -5.86 -22.14
CA LEU B 92 6.68 -6.73 -22.86
C LEU B 92 7.32 -8.06 -23.27
N GLY B 93 8.47 -8.37 -22.67
CA GLY B 93 9.16 -9.60 -23.00
C GLY B 93 8.34 -10.88 -22.99
N GLU B 94 7.39 -10.99 -22.07
CA GLU B 94 6.56 -12.19 -21.96
C GLU B 94 5.51 -12.31 -23.07
N PHE B 95 5.33 -11.26 -23.85
CA PHE B 95 4.33 -11.28 -24.91
C PHE B 95 4.99 -11.21 -26.26
N LYS B 96 6.23 -11.68 -26.32
CA LYS B 96 7.00 -11.69 -27.54
C LYS B 96 6.17 -12.17 -28.73
N GLY B 97 6.26 -11.44 -29.83
CA GLY B 97 5.52 -11.79 -31.02
C GLY B 97 4.08 -11.29 -31.07
N LYS B 98 3.61 -10.72 -29.97
CA LYS B 98 2.22 -10.23 -29.92
C LYS B 98 2.15 -8.70 -30.00
N PHE B 99 3.30 -8.05 -30.04
CA PHE B 99 3.32 -6.59 -30.12
C PHE B 99 4.28 -6.10 -31.20
N LYS B 100 3.98 -4.92 -31.75
CA LYS B 100 4.82 -4.32 -32.78
C LYS B 100 5.20 -2.93 -32.31
N VAL B 101 6.35 -2.44 -32.80
CA VAL B 101 6.79 -1.12 -32.40
C VAL B 101 7.02 -0.16 -33.56
N PHE B 102 6.41 1.01 -33.47
CA PHE B 102 6.58 2.04 -34.48
C PHE B 102 7.29 3.23 -33.84
N ILE B 103 8.57 3.37 -34.16
CA ILE B 103 9.36 4.48 -33.63
C ILE B 103 9.31 5.65 -34.58
N GLY B 104 8.60 6.70 -34.18
CA GLY B 104 8.49 7.89 -35.01
C GLY B 104 7.42 8.77 -34.38
N ASP B 105 7.14 9.91 -34.99
CA ASP B 105 6.13 10.82 -34.49
C ASP B 105 4.77 10.16 -34.65
N VAL B 106 3.89 10.40 -33.69
CA VAL B 106 2.56 9.81 -33.73
C VAL B 106 1.81 10.17 -35.01
N SER B 107 2.07 11.36 -35.55
CA SER B 107 1.38 11.76 -36.78
C SER B 107 1.81 10.97 -38.03
N GLU B 108 2.97 10.32 -37.97
CA GLU B 108 3.46 9.56 -39.10
C GLU B 108 2.96 8.12 -39.15
N PHE B 109 2.35 7.65 -38.05
CA PHE B 109 1.79 6.31 -37.97
C PHE B 109 0.43 6.33 -38.67
N ASN B 110 0.14 5.33 -39.49
CA ASN B 110 -1.14 5.30 -40.18
C ASN B 110 -1.61 3.91 -40.54
N SER B 111 -1.79 3.09 -39.52
CA SER B 111 -2.26 1.74 -39.69
C SER B 111 -3.60 1.71 -38.97
N ARG B 112 -4.62 1.16 -39.62
CA ARG B 112 -5.96 1.06 -39.04
C ARG B 112 -5.98 -0.02 -37.95
N VAL B 113 -6.51 0.33 -36.77
CA VAL B 113 -6.60 -0.63 -35.67
C VAL B 113 -8.04 -0.67 -35.15
N ASP B 114 -8.33 -1.59 -34.23
CA ASP B 114 -9.68 -1.69 -33.67
C ASP B 114 -9.88 -0.70 -32.52
N ILE B 115 -8.85 -0.57 -31.69
CA ILE B 115 -8.94 0.30 -30.54
C ILE B 115 -7.65 1.07 -30.28
N VAL B 116 -7.79 2.30 -29.77
CA VAL B 116 -6.63 3.08 -29.41
C VAL B 116 -6.73 3.33 -27.90
N ILE B 117 -5.61 3.18 -27.21
CA ILE B 117 -5.53 3.50 -25.79
C ILE B 117 -4.29 4.38 -25.72
N MSE B 118 -4.36 5.43 -24.90
CA MSE B 118 -3.22 6.32 -24.79
C MSE B 118 -3.23 7.23 -23.58
O MSE B 118 -4.29 7.60 -23.07
CB MSE B 118 -3.09 7.18 -26.08
CG MSE B 118 -4.27 8.10 -26.36
SE MSE B 118 -4.14 8.99 -27.96
CE MSE B 118 -5.45 10.05 -27.85
N ASN B 119 -2.04 7.59 -23.14
CA ASN B 119 -1.78 8.49 -22.04
C ASN B 119 -0.87 9.50 -22.76
N PRO B 120 -1.46 10.32 -23.64
CA PRO B 120 -0.67 11.30 -24.38
C PRO B 120 -0.20 12.47 -23.53
N PRO B 121 0.75 13.26 -24.05
CA PRO B 121 1.23 14.41 -23.28
C PRO B 121 0.05 15.37 -23.13
N PHE B 122 -0.06 16.05 -21.98
CA PHE B 122 -1.17 16.97 -21.77
C PHE B 122 -0.97 18.26 -22.55
N GLY B 123 0.27 18.51 -22.95
CA GLY B 123 0.56 19.72 -23.70
C GLY B 123 0.95 20.84 -22.76
N SER B 124 1.52 20.46 -21.62
CA SER B 124 1.95 21.43 -20.64
C SER B 124 3.41 21.83 -20.90
N GLN B 125 4.14 20.93 -21.56
CA GLN B 125 5.54 21.21 -21.87
C GLN B 125 5.67 21.86 -23.24
N ARG B 126 4.71 21.56 -24.13
CA ARG B 126 4.73 22.15 -25.44
C ARG B 126 3.29 22.32 -25.94
N LYS B 127 3.00 23.55 -26.37
CA LYS B 127 1.68 23.94 -26.85
C LYS B 127 0.95 22.92 -27.73
N HIS B 128 -0.25 22.53 -27.30
CA HIS B 128 -1.09 21.61 -28.05
C HIS B 128 -0.45 20.26 -28.43
N ALA B 129 0.46 19.77 -27.59
CA ALA B 129 1.13 18.50 -27.85
C ALA B 129 0.18 17.31 -27.94
N ASP B 130 -0.99 17.45 -27.32
CA ASP B 130 -1.99 16.40 -27.28
C ASP B 130 -2.83 16.28 -28.57
N ARG B 131 -2.95 17.38 -29.30
CA ARG B 131 -3.76 17.37 -30.51
C ARG B 131 -3.34 16.37 -31.57
N PRO B 132 -2.02 16.24 -31.84
CA PRO B 132 -1.62 15.26 -32.86
C PRO B 132 -2.05 13.84 -32.48
N PHE B 133 -2.10 13.56 -31.18
CA PHE B 133 -2.52 12.24 -30.70
C PHE B 133 -4.01 12.01 -30.88
N LEU B 134 -4.83 13.00 -30.53
CA LEU B 134 -6.28 12.90 -30.68
C LEU B 134 -6.62 12.77 -32.16
N LEU B 135 -6.01 13.61 -33.00
CA LEU B 135 -6.24 13.57 -34.44
C LEU B 135 -5.93 12.19 -35.01
N LYS B 136 -4.76 11.66 -34.66
CA LYS B 136 -4.34 10.35 -35.15
C LYS B 136 -5.28 9.24 -34.65
N ALA B 137 -5.59 9.27 -33.36
CA ALA B 137 -6.49 8.29 -32.75
C ALA B 137 -7.81 8.28 -33.50
N PHE B 138 -8.39 9.45 -33.71
CA PHE B 138 -9.66 9.55 -34.42
C PHE B 138 -9.56 9.04 -35.86
N GLU B 139 -8.39 9.24 -36.47
CA GLU B 139 -8.17 8.81 -37.84
C GLU B 139 -8.04 7.30 -38.01
N ILE B 140 -7.31 6.65 -37.11
CA ILE B 140 -7.10 5.20 -37.25
C ILE B 140 -8.02 4.24 -36.51
N SER B 141 -8.92 4.74 -35.69
CA SER B 141 -9.83 3.85 -34.96
C SER B 141 -11.21 4.43 -34.78
N ASP B 142 -12.18 3.58 -34.41
CA ASP B 142 -13.54 4.06 -34.15
C ASP B 142 -13.83 4.10 -32.64
N VAL B 143 -12.91 3.55 -31.85
CA VAL B 143 -13.03 3.58 -30.38
C VAL B 143 -11.70 4.05 -29.79
N VAL B 144 -11.73 5.15 -29.03
CA VAL B 144 -10.53 5.73 -28.44
C VAL B 144 -10.63 5.90 -26.92
N TYR B 145 -9.57 5.49 -26.22
CA TYR B 145 -9.49 5.64 -24.76
C TYR B 145 -8.27 6.53 -24.52
N SER B 146 -8.48 7.64 -23.82
CA SER B 146 -7.39 8.56 -23.56
C SER B 146 -7.46 9.15 -22.17
N ILE B 147 -6.40 9.83 -21.78
CA ILE B 147 -6.33 10.46 -20.47
C ILE B 147 -5.99 11.93 -20.65
N HIS B 148 -6.68 12.79 -19.92
CA HIS B 148 -6.43 14.23 -19.98
C HIS B 148 -6.67 14.91 -18.65
N LEU B 149 -6.14 16.12 -18.52
CA LEU B 149 -6.27 16.92 -17.30
C LEU B 149 -7.73 17.23 -17.00
N ALA B 150 -8.16 16.93 -15.78
CA ALA B 150 -9.53 17.19 -15.38
C ALA B 150 -9.72 18.68 -15.05
N LYS B 151 -9.57 19.52 -16.08
CA LYS B 151 -9.73 20.96 -15.93
C LYS B 151 -10.88 21.44 -16.83
N PRO B 152 -11.63 22.45 -16.37
CA PRO B 152 -12.74 23.01 -17.13
C PRO B 152 -12.41 23.35 -18.58
N GLU B 153 -11.31 24.06 -18.81
CA GLU B 153 -10.94 24.43 -20.17
C GLU B 153 -10.61 23.19 -21.02
N VAL B 154 -9.87 22.26 -20.44
CA VAL B 154 -9.51 21.05 -21.16
C VAL B 154 -10.76 20.25 -21.50
N ARG B 155 -11.64 20.08 -20.52
CA ARG B 155 -12.86 19.32 -20.75
C ARG B 155 -13.68 19.91 -21.89
N ARG B 156 -13.81 21.23 -21.90
CA ARG B 156 -14.57 21.92 -22.96
C ARG B 156 -13.92 21.65 -24.30
N PHE B 157 -12.59 21.77 -24.35
CA PHE B 157 -11.87 21.54 -25.58
C PHE B 157 -12.03 20.11 -26.08
N ILE B 158 -11.77 19.12 -25.22
CA ILE B 158 -11.88 17.72 -25.60
C ILE B 158 -13.25 17.39 -26.15
N GLU B 159 -14.29 17.90 -25.50
CA GLU B 159 -15.65 17.62 -25.93
C GLU B 159 -15.90 18.24 -27.31
N LYS B 160 -15.39 19.45 -27.50
CA LYS B 160 -15.55 20.20 -28.74
C LYS B 160 -14.70 19.61 -29.87
N PHE B 161 -13.45 19.32 -29.57
CA PHE B 161 -12.53 18.77 -30.56
C PHE B 161 -12.99 17.41 -31.07
N SER B 162 -13.38 16.52 -30.17
CA SER B 162 -13.81 15.20 -30.59
C SER B 162 -15.06 15.28 -31.45
N TRP B 163 -15.94 16.22 -31.13
CA TRP B 163 -17.17 16.38 -31.89
C TRP B 163 -16.88 16.82 -33.30
N GLU B 164 -16.03 17.83 -33.45
CA GLU B 164 -15.68 18.31 -34.78
C GLU B 164 -15.07 17.21 -35.62
N HIS B 165 -14.59 16.15 -34.98
CA HIS B 165 -13.98 15.07 -35.72
C HIS B 165 -14.84 13.82 -35.79
N GLY B 166 -16.14 14.00 -35.53
CA GLY B 166 -17.08 12.90 -35.60
C GLY B 166 -17.07 11.89 -34.46
N PHE B 167 -16.64 12.30 -33.27
CA PHE B 167 -16.59 11.39 -32.12
C PHE B 167 -17.34 11.95 -30.92
N VAL B 168 -17.92 11.05 -30.13
CA VAL B 168 -18.64 11.45 -28.93
C VAL B 168 -18.06 10.76 -27.70
N VAL B 169 -18.08 11.45 -26.58
CA VAL B 169 -17.59 10.88 -25.35
C VAL B 169 -18.70 10.01 -24.78
N THR B 170 -18.44 8.72 -24.55
CA THR B 170 -19.45 7.84 -23.98
C THR B 170 -19.20 7.62 -22.48
N HIS B 171 -17.94 7.72 -22.06
CA HIS B 171 -17.58 7.54 -20.67
C HIS B 171 -16.47 8.50 -20.29
N ARG B 172 -16.48 8.96 -19.05
CA ARG B 172 -15.44 9.83 -18.53
C ARG B 172 -15.32 9.52 -17.05
N LEU B 173 -14.20 8.92 -16.66
CA LEU B 173 -13.98 8.59 -15.25
C LEU B 173 -12.92 9.54 -14.73
N THR B 174 -13.16 10.08 -13.54
CA THR B 174 -12.21 11.02 -12.97
C THR B 174 -11.49 10.42 -11.75
N THR B 175 -10.15 10.48 -11.78
CA THR B 175 -9.33 9.98 -10.67
C THR B 175 -8.10 10.85 -10.47
N LYS B 176 -7.49 10.71 -9.30
CA LYS B 176 -6.29 11.46 -8.97
C LYS B 176 -5.11 10.51 -9.10
N ILE B 177 -4.06 10.96 -9.77
CA ILE B 177 -2.88 10.13 -9.92
C ILE B 177 -1.72 10.81 -9.22
N GLU B 178 -0.67 10.05 -8.98
CA GLU B 178 0.50 10.60 -8.32
C GLU B 178 1.72 10.29 -9.16
N ILE B 179 2.36 11.34 -9.63
CA ILE B 179 3.54 11.18 -10.44
C ILE B 179 4.75 11.57 -9.62
N PRO B 180 5.58 10.59 -9.26
CA PRO B 180 6.79 10.82 -8.46
C PRO B 180 7.86 11.40 -9.38
N LEU B 181 8.84 12.11 -8.82
CA LEU B 181 9.88 12.67 -9.68
C LEU B 181 11.34 12.48 -9.26
N GLN B 182 11.76 13.16 -8.20
CA GLN B 182 13.16 13.05 -7.73
C GLN B 182 13.71 11.64 -7.73
N LYS B 188 11.34 12.31 -0.91
CA LYS B 188 10.33 11.80 -1.85
C LYS B 188 9.08 12.69 -1.88
N LYS B 189 8.70 13.09 -3.09
CA LYS B 189 7.52 13.92 -3.32
C LYS B 189 6.90 13.50 -4.64
N LEU B 190 5.58 13.46 -4.69
CA LEU B 190 4.87 13.05 -5.89
C LEU B 190 3.74 13.99 -6.26
N GLU B 191 3.83 14.59 -7.45
CA GLU B 191 2.85 15.52 -7.97
C GLU B 191 1.49 14.83 -8.13
N ARG B 192 0.49 15.27 -7.38
CA ARG B 192 -0.84 14.68 -7.44
C ARG B 192 -1.77 15.52 -8.28
N ILE B 193 -2.19 14.98 -9.43
CA ILE B 193 -3.08 15.71 -10.32
C ILE B 193 -4.35 14.92 -10.56
N THR B 194 -5.42 15.60 -10.98
CA THR B 194 -6.67 14.92 -11.24
C THR B 194 -6.85 14.83 -12.74
N VAL B 195 -7.06 13.62 -13.24
CA VAL B 195 -7.26 13.40 -14.66
C VAL B 195 -8.61 12.74 -14.98
N ASP B 196 -9.02 12.85 -16.23
CA ASP B 196 -10.24 12.25 -16.72
C ASP B 196 -9.78 11.17 -17.67
N ILE B 197 -10.41 10.00 -17.60
CA ILE B 197 -10.12 8.91 -18.51
C ILE B 197 -11.34 8.91 -19.42
N TYR B 198 -11.12 9.17 -20.71
CA TYR B 198 -12.20 9.24 -21.69
C TYR B 198 -12.30 8.03 -22.59
N ARG B 199 -13.51 7.78 -23.06
CA ARG B 199 -13.79 6.74 -24.04
C ARG B 199 -14.57 7.49 -25.11
N PHE B 200 -14.01 7.57 -26.31
CA PHE B 200 -14.66 8.25 -27.44
C PHE B 200 -15.15 7.18 -28.41
N SER B 201 -16.27 7.45 -29.07
CA SER B 201 -16.82 6.53 -30.04
C SER B 201 -17.24 7.28 -31.31
N LYS B 202 -17.00 6.70 -32.47
CA LYS B 202 -17.34 7.35 -33.74
C LYS B 202 -18.85 7.37 -33.95
N VAL B 203 -19.43 8.57 -34.02
CA VAL B 203 -20.87 8.73 -34.20
C VAL B 203 -21.40 7.85 -35.33
N ILE B 204 -22.32 6.95 -34.98
CA ILE B 204 -22.92 5.97 -35.89
C ILE B 204 -21.87 5.06 -36.53
N MSE C 1 37.40 7.93 10.95
CA MSE C 1 36.91 8.68 12.15
C MSE C 1 36.04 7.86 13.07
O MSE C 1 35.59 6.76 12.74
CB MSE C 1 36.13 9.92 11.72
CG MSE C 1 35.23 9.73 10.53
SE MSE C 1 34.57 11.30 9.95
CE MSE C 1 32.95 11.24 10.66
N MSE C 2 35.79 8.45 14.24
CA MSE C 2 34.98 7.84 15.28
C MSE C 2 33.53 7.71 14.82
O MSE C 2 32.97 8.64 14.25
CB MSE C 2 35.07 8.72 16.52
CG MSE C 2 34.75 8.07 17.84
SE MSE C 2 35.08 9.23 19.18
CE MSE C 2 36.87 9.18 19.24
N THR C 3 32.94 6.54 15.05
CA THR C 3 31.54 6.30 14.70
C THR C 3 30.69 7.06 15.72
N ARG C 4 29.51 7.52 15.30
CA ARG C 4 28.62 8.25 16.21
C ARG C 4 28.27 7.38 17.42
N LYS C 5 28.15 6.07 17.19
CA LYS C 5 27.84 5.15 18.27
C LYS C 5 28.97 5.17 19.28
N LYS C 6 30.21 5.28 18.80
CA LYS C 6 31.33 5.31 19.72
C LYS C 6 31.51 6.69 20.34
N GLU C 7 31.07 7.73 19.63
CA GLU C 7 31.17 9.08 20.17
C GLU C 7 30.24 9.18 21.38
N LEU C 8 29.05 8.60 21.28
CA LEU C 8 28.08 8.61 22.36
C LEU C 8 28.64 7.85 23.55
N ALA C 9 29.20 6.67 23.28
CA ALA C 9 29.77 5.84 24.33
C ALA C 9 30.85 6.61 25.10
N ILE C 10 31.72 7.31 24.36
CA ILE C 10 32.77 8.08 25.01
C ILE C 10 32.19 9.19 25.87
N ALA C 11 31.21 9.91 25.34
CA ALA C 11 30.58 11.00 26.09
C ALA C 11 29.87 10.45 27.34
N LEU C 12 29.26 9.29 27.21
CA LEU C 12 28.55 8.69 28.35
C LEU C 12 29.51 8.24 29.44
N SER C 13 30.72 7.85 29.04
CA SER C 13 31.70 7.37 30.02
C SER C 13 32.30 8.51 30.85
N LYS C 14 32.06 9.74 30.43
CA LYS C 14 32.60 10.88 31.18
C LYS C 14 31.73 11.32 32.34
N LEU C 15 30.54 10.72 32.47
CA LEU C 15 29.64 11.05 33.58
C LEU C 15 30.16 10.48 34.89
N LYS C 16 29.79 11.11 36.01
CA LYS C 16 30.23 10.62 37.32
C LYS C 16 29.52 9.35 37.70
N GLY C 17 30.22 8.48 38.44
CA GLY C 17 29.64 7.22 38.86
C GLY C 17 29.06 7.30 40.26
N PHE C 18 28.66 6.16 40.82
CA PHE C 18 28.08 6.13 42.17
C PHE C 18 29.11 6.49 43.24
N LYS C 19 28.70 7.30 44.20
CA LYS C 19 29.57 7.71 45.30
C LYS C 19 29.97 6.51 46.18
N ASN C 20 28.98 5.73 46.59
CA ASN C 20 29.22 4.56 47.45
C ASN C 20 28.27 3.46 46.99
N PRO C 21 28.61 2.75 45.89
CA PRO C 21 27.75 1.68 45.38
C PRO C 21 27.26 0.63 46.38
N LYS C 22 25.95 0.43 46.39
CA LYS C 22 25.34 -0.57 47.26
C LYS C 22 25.17 -1.83 46.43
N VAL C 23 26.05 -2.80 46.67
CA VAL C 23 26.05 -4.07 45.97
C VAL C 23 24.70 -4.79 45.94
N TRP C 24 24.01 -4.78 47.08
CA TRP C 24 22.73 -5.47 47.20
C TRP C 24 21.66 -4.89 46.28
N LEU C 25 21.95 -3.73 45.70
CA LEU C 25 21.01 -3.09 44.79
C LEU C 25 21.62 -3.07 43.38
N GLU C 26 22.72 -3.82 43.21
CA GLU C 26 23.45 -3.92 41.96
C GLU C 26 23.72 -2.56 41.36
N GLN C 27 24.37 -1.70 42.13
CA GLN C 27 24.67 -0.35 41.66
C GLN C 27 26.00 -0.21 40.91
N TYR C 28 25.94 -0.26 39.59
CA TYR C 28 27.10 -0.08 38.74
C TYR C 28 26.57 0.75 37.57
N ARG C 29 27.31 1.76 37.16
CA ARG C 29 26.87 2.59 36.05
C ARG C 29 26.80 1.75 34.78
N THR C 30 25.82 2.02 33.92
CA THR C 30 25.72 1.26 32.67
C THR C 30 26.93 1.60 31.81
N PRO C 31 27.73 0.58 31.44
CA PRO C 31 28.92 0.82 30.61
C PRO C 31 28.53 1.59 29.35
N GLY C 32 29.38 2.53 28.95
CA GLY C 32 29.11 3.34 27.78
C GLY C 32 28.80 2.58 26.51
N ASN C 33 29.49 1.47 26.27
CA ASN C 33 29.29 0.71 25.05
C ASN C 33 27.89 0.11 25.01
N ALA C 34 27.49 -0.58 26.06
CA ALA C 34 26.16 -1.18 26.10
C ALA C 34 25.08 -0.10 26.07
N ALA C 35 25.31 0.98 26.82
CA ALA C 35 24.34 2.07 26.89
C ALA C 35 24.17 2.65 25.49
N SER C 36 25.29 2.83 24.80
CA SER C 36 25.29 3.37 23.45
C SER C 36 24.52 2.48 22.48
N GLU C 37 24.69 1.17 22.62
CA GLU C 37 24.00 0.22 21.76
C GLU C 37 22.50 0.29 21.96
N LEU C 38 22.06 0.25 23.21
CA LEU C 38 20.64 0.30 23.52
C LEU C 38 20.01 1.60 23.00
N LEU C 39 20.65 2.73 23.29
CA LEU C 39 20.15 4.04 22.90
C LEU C 39 20.15 4.29 21.39
N TRP C 40 21.21 3.87 20.71
CA TRP C 40 21.28 4.08 19.27
C TRP C 40 20.21 3.22 18.59
N LEU C 41 19.98 2.01 19.11
CA LEU C 41 18.96 1.15 18.54
C LEU C 41 17.61 1.85 18.69
N ALA C 42 17.30 2.28 19.91
CA ALA C 42 16.05 2.95 20.20
C ALA C 42 15.89 4.20 19.34
N TYR C 43 16.97 4.96 19.23
CA TYR C 43 16.97 6.18 18.44
C TYR C 43 16.69 5.87 16.98
N SER C 44 17.43 4.91 16.43
CA SER C 44 17.26 4.52 15.03
C SER C 44 15.85 4.05 14.68
N LEU C 45 15.11 3.55 15.66
CA LEU C 45 13.76 3.07 15.40
C LEU C 45 12.72 4.15 15.67
N GLY C 46 13.18 5.34 16.01
CA GLY C 46 12.26 6.43 16.29
C GLY C 46 11.65 6.34 17.67
N ASP C 47 12.32 5.64 18.58
CA ASP C 47 11.80 5.48 19.94
C ASP C 47 12.46 6.39 20.98
N ILE C 48 13.04 7.49 20.55
CA ILE C 48 13.65 8.40 21.52
C ILE C 48 13.34 9.87 21.25
N GLU C 49 13.58 10.33 20.04
CA GLU C 49 13.35 11.71 19.69
C GLU C 49 11.89 12.17 19.88
N GLY C 50 11.71 13.17 20.75
CA GLY C 50 10.39 13.70 21.01
C GLY C 50 9.50 12.82 21.87
N LYS C 51 10.08 11.77 22.45
CA LYS C 51 9.30 10.84 23.28
C LYS C 51 9.44 11.10 24.78
N VAL C 52 8.43 10.70 25.53
CA VAL C 52 8.47 10.83 26.98
C VAL C 52 9.05 9.50 27.43
N VAL C 53 10.27 9.53 27.95
CA VAL C 53 10.96 8.31 28.36
C VAL C 53 11.10 8.11 29.86
N ALA C 54 10.91 6.88 30.30
CA ALA C 54 11.08 6.55 31.70
C ALA C 54 12.34 5.68 31.81
N ASP C 55 13.24 6.05 32.71
CA ASP C 55 14.47 5.30 32.94
C ASP C 55 14.31 4.63 34.29
N LEU C 56 13.95 3.35 34.28
CA LEU C 56 13.75 2.60 35.51
C LEU C 56 15.09 2.14 36.08
N GLY C 57 15.34 2.51 37.33
CA GLY C 57 16.60 2.18 37.97
C GLY C 57 17.64 3.10 37.37
N ALA C 58 17.27 4.36 37.25
CA ALA C 58 18.12 5.40 36.65
C ALA C 58 19.54 5.53 37.21
N GLY C 59 19.73 5.15 38.47
CA GLY C 59 21.05 5.25 39.08
C GLY C 59 21.74 6.59 38.89
N THR C 60 22.88 6.57 38.20
CA THR C 60 23.65 7.79 37.94
C THR C 60 23.12 8.58 36.73
N GLY C 61 22.20 7.98 35.99
CA GLY C 61 21.65 8.67 34.83
C GLY C 61 22.30 8.50 33.47
N VAL C 62 23.10 7.45 33.27
CA VAL C 62 23.77 7.25 31.98
C VAL C 62 22.75 7.14 30.83
N LEU C 63 21.77 6.25 31.01
CA LEU C 63 20.76 6.06 30.00
C LEU C 63 19.90 7.31 29.79
N SER C 64 19.57 7.98 30.89
CA SER C 64 18.75 9.19 30.80
C SER C 64 19.52 10.29 30.06
N TYR C 65 20.80 10.44 30.39
CA TYR C 65 21.62 11.45 29.74
C TYR C 65 21.64 11.21 28.23
N GLY C 66 21.93 9.98 27.83
CA GLY C 66 21.98 9.63 26.42
C GLY C 66 20.68 9.88 25.70
N ALA C 67 19.57 9.52 26.34
CA ALA C 67 18.25 9.74 25.76
C ALA C 67 18.04 11.25 25.56
N LEU C 68 18.32 12.06 26.58
CA LEU C 68 18.16 13.51 26.45
C LEU C 68 19.08 14.00 25.32
N LEU C 69 20.31 13.52 25.33
CA LEU C 69 21.29 13.90 24.33
C LEU C 69 20.77 13.53 22.93
N LEU C 70 20.00 12.45 22.84
CA LEU C 70 19.45 12.02 21.56
C LEU C 70 18.09 12.62 21.21
N GLY C 71 17.66 13.63 21.97
CA GLY C 71 16.40 14.28 21.65
C GLY C 71 15.12 13.88 22.37
N ALA C 72 15.22 13.20 23.50
CA ALA C 72 14.02 12.82 24.24
C ALA C 72 13.29 14.08 24.67
N LYS C 73 11.97 14.12 24.56
CA LYS C 73 11.23 15.31 24.96
C LYS C 73 11.48 15.52 26.44
N GLU C 74 11.40 14.43 27.20
CA GLU C 74 11.64 14.48 28.61
C GLU C 74 11.89 13.07 29.13
N VAL C 75 12.57 12.97 30.25
CA VAL C 75 12.85 11.69 30.85
C VAL C 75 12.43 11.70 32.30
N ILE C 76 11.86 10.58 32.76
CA ILE C 76 11.45 10.46 34.15
C ILE C 76 12.35 9.40 34.76
N CYS C 77 13.24 9.86 35.64
CA CYS C 77 14.18 8.97 36.29
C CYS C 77 13.61 8.33 37.53
N VAL C 78 13.51 7.01 37.52
CA VAL C 78 12.99 6.26 38.66
C VAL C 78 14.17 5.57 39.35
N GLU C 79 14.41 5.94 40.61
CA GLU C 79 15.51 5.39 41.38
C GLU C 79 15.13 5.37 42.84
N VAL C 80 15.42 4.27 43.51
CA VAL C 80 15.08 4.13 44.92
C VAL C 80 16.11 4.72 45.88
N ASP C 81 17.34 4.94 45.41
CA ASP C 81 18.41 5.44 46.26
C ASP C 81 18.69 6.93 46.07
N LYS C 82 18.40 7.72 47.11
CA LYS C 82 18.61 9.17 47.06
C LYS C 82 20.06 9.55 46.77
N GLU C 83 21.00 8.79 47.32
CA GLU C 83 22.42 9.05 47.11
C GLU C 83 22.79 8.94 45.62
N ALA C 84 22.03 8.14 44.89
CA ALA C 84 22.26 7.96 43.47
C ALA C 84 21.71 9.18 42.76
N VAL C 85 20.57 9.66 43.23
CA VAL C 85 19.92 10.82 42.62
C VAL C 85 20.81 12.05 42.69
N ASP C 86 21.61 12.14 43.75
CA ASP C 86 22.52 13.27 43.90
C ASP C 86 23.43 13.34 42.67
N VAL C 87 24.02 12.21 42.30
CA VAL C 87 24.89 12.17 41.15
C VAL C 87 24.07 12.35 39.87
N LEU C 88 22.88 11.76 39.86
CA LEU C 88 21.97 11.84 38.73
C LEU C 88 21.74 13.31 38.36
N ILE C 89 21.33 14.10 39.35
CA ILE C 89 21.05 15.52 39.16
C ILE C 89 22.23 16.27 38.57
N GLU C 90 23.41 16.00 39.09
CA GLU C 90 24.57 16.69 38.58
C GLU C 90 24.89 16.26 37.15
N ASN C 91 24.80 14.96 36.87
CA ASN C 91 25.08 14.49 35.52
C ASN C 91 24.14 15.08 34.47
N LEU C 92 22.87 15.23 34.79
CA LEU C 92 21.91 15.78 33.83
C LEU C 92 21.76 17.28 33.94
N GLY C 93 22.69 17.93 34.63
CA GLY C 93 22.64 19.36 34.79
C GLY C 93 22.37 20.17 33.53
N GLU C 94 22.96 19.79 32.40
CA GLU C 94 22.76 20.54 31.17
C GLU C 94 21.39 20.37 30.53
N PHE C 95 20.57 19.46 31.05
CA PHE C 95 19.22 19.28 30.50
C PHE C 95 18.17 19.74 31.51
N LYS C 96 18.58 20.67 32.36
CA LYS C 96 17.74 21.25 33.39
C LYS C 96 16.30 21.47 32.91
N GLY C 97 15.33 20.98 33.69
CA GLY C 97 13.94 21.17 33.33
C GLY C 97 13.38 20.16 32.33
N LYS C 98 14.23 19.29 31.79
CA LYS C 98 13.79 18.29 30.82
C LYS C 98 13.67 16.91 31.44
N PHE C 99 14.05 16.79 32.71
CA PHE C 99 13.98 15.51 33.39
C PHE C 99 13.30 15.61 34.75
N LYS C 100 12.67 14.51 35.17
CA LYS C 100 11.97 14.44 36.44
C LYS C 100 12.54 13.29 37.24
N VAL C 101 12.45 13.39 38.56
CA VAL C 101 13.02 12.38 39.44
C VAL C 101 11.99 11.74 40.37
N PHE C 102 11.85 10.43 40.28
CA PHE C 102 10.91 9.70 41.13
C PHE C 102 11.73 8.81 42.06
N ILE C 103 11.85 9.23 43.32
CA ILE C 103 12.61 8.47 44.31
C ILE C 103 11.69 7.55 45.08
N GLY C 104 11.80 6.25 44.82
CA GLY C 104 10.98 5.27 45.48
C GLY C 104 11.15 3.94 44.77
N ASP C 105 10.46 2.91 45.24
CA ASP C 105 10.57 1.60 44.60
C ASP C 105 9.97 1.70 43.20
N VAL C 106 10.53 0.96 42.26
CA VAL C 106 10.02 1.01 40.89
C VAL C 106 8.54 0.61 40.84
N SER C 107 8.11 -0.27 41.73
CA SER C 107 6.72 -0.71 41.74
C SER C 107 5.73 0.38 42.14
N GLU C 108 6.23 1.41 42.83
CA GLU C 108 5.40 2.53 43.29
C GLU C 108 5.13 3.54 42.19
N PHE C 109 5.96 3.55 41.16
CA PHE C 109 5.81 4.50 40.07
C PHE C 109 4.69 4.06 39.14
N ASN C 110 3.84 4.98 38.73
CA ASN C 110 2.77 4.61 37.81
C ASN C 110 2.27 5.73 36.94
N SER C 111 3.17 6.27 36.14
CA SER C 111 2.82 7.33 35.22
C SER C 111 3.05 6.71 33.84
N ARG C 112 2.10 6.89 32.93
CA ARG C 112 2.26 6.33 31.60
C ARG C 112 3.23 7.14 30.77
N VAL C 113 4.15 6.44 30.10
CA VAL C 113 5.16 7.07 29.27
C VAL C 113 5.10 6.46 27.87
N ASP C 114 5.89 7.01 26.96
CA ASP C 114 5.93 6.51 25.60
C ASP C 114 6.93 5.36 25.48
N ILE C 115 8.06 5.51 26.17
CA ILE C 115 9.10 4.49 26.09
C ILE C 115 9.81 4.27 27.41
N VAL C 116 10.20 3.02 27.65
CA VAL C 116 10.94 2.69 28.86
C VAL C 116 12.30 2.14 28.46
N ILE C 117 13.34 2.66 29.10
CA ILE C 117 14.70 2.18 28.88
C ILE C 117 15.19 1.84 30.28
N MSE C 118 15.89 0.72 30.42
CA MSE C 118 16.37 0.31 31.72
C MSE C 118 17.50 -0.71 31.73
O MSE C 118 17.60 -1.55 30.84
CB MSE C 118 15.20 -0.27 32.54
CG MSE C 118 14.42 -1.46 31.94
SE MSE C 118 13.11 -1.99 33.02
CE MSE C 118 12.63 -3.56 32.31
N ASN C 119 18.34 -0.59 32.76
CA ASN C 119 19.44 -1.51 33.00
C ASN C 119 19.12 -1.93 34.43
N PRO C 120 18.06 -2.73 34.57
CA PRO C 120 17.62 -3.21 35.88
C PRO C 120 18.57 -4.21 36.52
N PRO C 121 18.40 -4.47 37.83
CA PRO C 121 19.29 -5.44 38.46
C PRO C 121 19.00 -6.80 37.83
N PHE C 122 20.03 -7.61 37.65
CA PHE C 122 19.84 -8.92 37.05
C PHE C 122 19.17 -9.89 38.02
N GLY C 123 19.20 -9.55 39.31
CA GLY C 123 18.59 -10.41 40.30
C GLY C 123 19.59 -11.42 40.83
N SER C 124 20.87 -11.06 40.78
CA SER C 124 21.92 -11.95 41.26
C SER C 124 22.17 -11.67 42.74
N GLN C 125 21.83 -10.46 43.18
CA GLN C 125 22.03 -10.11 44.58
C GLN C 125 20.78 -10.42 45.39
N ARG C 126 19.62 -10.36 44.74
CA ARG C 126 18.37 -10.68 45.41
C ARG C 126 17.41 -11.34 44.42
N LYS C 127 16.88 -12.48 44.83
CA LYS C 127 15.98 -13.27 43.99
C LYS C 127 14.90 -12.51 43.24
N HIS C 128 14.88 -12.70 41.92
CA HIS C 128 13.90 -12.09 41.04
C HIS C 128 13.79 -10.57 41.15
N ALA C 129 14.89 -9.89 41.45
CA ALA C 129 14.89 -8.44 41.58
C ALA C 129 14.50 -7.73 40.29
N ASP C 130 14.67 -8.41 39.15
CA ASP C 130 14.35 -7.83 37.85
C ASP C 130 12.87 -7.87 37.49
N ARG C 131 12.13 -8.78 38.11
CA ARG C 131 10.70 -8.91 37.82
C ARG C 131 9.89 -7.64 38.05
N PRO C 132 10.09 -6.95 39.19
CA PRO C 132 9.31 -5.73 39.43
C PRO C 132 9.53 -4.71 38.32
N PHE C 133 10.73 -4.70 37.77
CA PHE C 133 11.06 -3.76 36.70
C PHE C 133 10.35 -4.09 35.37
N LEU C 134 10.37 -5.37 35.00
CA LEU C 134 9.72 -5.81 33.77
C LEU C 134 8.20 -5.61 33.90
N LEU C 135 7.64 -5.97 35.05
CA LEU C 135 6.21 -5.81 35.28
C LEU C 135 5.79 -4.35 35.14
N LYS C 136 6.53 -3.45 35.78
CA LYS C 136 6.22 -2.03 35.72
C LYS C 136 6.40 -1.48 34.32
N ALA C 137 7.49 -1.85 33.66
CA ALA C 137 7.75 -1.38 32.31
C ALA C 137 6.60 -1.77 31.38
N PHE C 138 6.17 -3.03 31.45
CA PHE C 138 5.08 -3.50 30.62
C PHE C 138 3.79 -2.77 30.94
N GLU C 139 3.63 -2.41 32.20
CA GLU C 139 2.42 -1.73 32.66
C GLU C 139 2.31 -0.27 32.20
N ILE C 140 3.42 0.45 32.21
CA ILE C 140 3.39 1.87 31.86
C ILE C 140 3.77 2.26 30.43
N SER C 141 4.20 1.31 29.61
CA SER C 141 4.61 1.62 28.25
C SER C 141 4.28 0.52 27.26
N ASP C 142 4.33 0.84 25.97
CA ASP C 142 4.06 -0.14 24.93
C ASP C 142 5.37 -0.57 24.26
N VAL C 143 6.44 0.18 24.52
CA VAL C 143 7.77 -0.14 23.98
C VAL C 143 8.77 -0.12 25.14
N VAL C 144 9.47 -1.24 25.32
CA VAL C 144 10.44 -1.40 26.40
C VAL C 144 11.82 -1.84 25.92
N TYR C 145 12.85 -1.16 26.41
CA TYR C 145 14.25 -1.46 26.10
C TYR C 145 14.88 -1.85 27.43
N SER C 146 15.45 -3.05 27.50
CA SER C 146 16.04 -3.52 28.74
C SER C 146 17.34 -4.28 28.49
N ILE C 147 18.06 -4.56 29.57
CA ILE C 147 19.31 -5.30 29.48
C ILE C 147 19.25 -6.47 30.46
N HIS C 148 19.69 -7.64 30.00
CA HIS C 148 19.67 -8.84 30.83
C HIS C 148 20.85 -9.75 30.52
N LEU C 149 21.13 -10.68 31.44
CA LEU C 149 22.23 -11.63 31.28
C LEU C 149 21.98 -12.54 30.09
N ALA C 150 22.96 -12.64 29.21
CA ALA C 150 22.84 -13.49 28.03
C ALA C 150 23.05 -14.96 28.41
N LYS C 151 22.13 -15.49 29.21
CA LYS C 151 22.20 -16.88 29.64
C LYS C 151 20.95 -17.62 29.16
N PRO C 152 21.10 -18.90 28.81
CA PRO C 152 19.99 -19.72 28.33
C PRO C 152 18.73 -19.67 29.22
N GLU C 153 18.89 -19.82 30.53
CA GLU C 153 17.74 -19.80 31.43
C GLU C 153 17.11 -18.41 31.44
N VAL C 154 17.93 -17.37 31.50
CA VAL C 154 17.42 -16.00 31.51
C VAL C 154 16.64 -15.71 30.23
N ARG C 155 17.25 -16.03 29.09
CA ARG C 155 16.59 -15.81 27.80
C ARG C 155 15.24 -16.50 27.72
N ARG C 156 15.17 -17.76 28.15
CA ARG C 156 13.91 -18.48 28.09
C ARG C 156 12.88 -17.81 29.01
N PHE C 157 13.32 -17.32 30.17
CA PHE C 157 12.41 -16.66 31.10
C PHE C 157 11.91 -15.34 30.51
N ILE C 158 12.83 -14.50 30.07
CA ILE C 158 12.48 -13.21 29.48
C ILE C 158 11.45 -13.37 28.36
N GLU C 159 11.68 -14.33 27.49
CA GLU C 159 10.80 -14.58 26.36
C GLU C 159 9.42 -15.02 26.84
N LYS C 160 9.41 -15.88 27.85
CA LYS C 160 8.15 -16.41 28.40
C LYS C 160 7.40 -15.36 29.23
N PHE C 161 8.15 -14.65 30.07
CA PHE C 161 7.56 -13.62 30.93
C PHE C 161 6.93 -12.50 30.12
N SER C 162 7.66 -11.98 29.15
CA SER C 162 7.13 -10.89 28.33
C SER C 162 5.88 -11.33 27.59
N TRP C 163 5.86 -12.57 27.12
CA TRP C 163 4.70 -13.08 26.40
C TRP C 163 3.46 -13.15 27.28
N GLU C 164 3.62 -13.66 28.50
CA GLU C 164 2.51 -13.77 29.43
C GLU C 164 1.95 -12.39 29.72
N HIS C 165 2.74 -11.34 29.47
CA HIS C 165 2.27 -10.01 29.76
C HIS C 165 1.93 -9.22 28.51
N GLY C 166 1.71 -9.93 27.41
CA GLY C 166 1.33 -9.30 26.15
C GLY C 166 2.40 -8.56 25.35
N PHE C 167 3.66 -8.93 25.54
CA PHE C 167 4.74 -8.29 24.80
C PHE C 167 5.58 -9.30 24.04
N VAL C 168 6.16 -8.86 22.93
CA VAL C 168 7.02 -9.71 22.12
C VAL C 168 8.37 -9.03 21.94
N VAL C 169 9.42 -9.84 21.84
CA VAL C 169 10.76 -9.31 21.63
C VAL C 169 10.90 -9.06 20.15
N THR C 170 11.25 -7.83 19.77
CA THR C 170 11.42 -7.48 18.36
C THR C 170 12.89 -7.45 17.99
N HIS C 171 13.73 -7.10 18.97
CA HIS C 171 15.17 -7.02 18.76
C HIS C 171 15.91 -7.55 19.99
N ARG C 172 17.08 -8.13 19.77
CA ARG C 172 17.93 -8.63 20.84
C ARG C 172 19.35 -8.53 20.37
N LEU C 173 20.11 -7.61 20.95
CA LEU C 173 21.51 -7.43 20.59
C LEU C 173 22.36 -8.01 21.71
N THR C 174 23.37 -8.79 21.35
CA THR C 174 24.25 -9.42 22.35
C THR C 174 25.62 -8.76 22.33
N THR C 175 26.07 -8.33 23.51
CA THR C 175 27.37 -7.68 23.62
C THR C 175 28.01 -7.97 24.99
N LYS C 176 29.31 -7.80 25.07
CA LYS C 176 30.04 -8.07 26.31
C LYS C 176 30.39 -6.74 26.94
N ILE C 177 30.14 -6.60 28.23
CA ILE C 177 30.48 -5.36 28.89
C ILE C 177 31.48 -5.65 29.99
N GLU C 178 32.14 -4.59 30.48
CA GLU C 178 33.11 -4.72 31.55
C GLU C 178 32.63 -3.80 32.66
N ILE C 179 32.18 -4.37 33.76
CA ILE C 179 31.70 -3.50 34.82
C ILE C 179 32.64 -3.47 36.01
N PRO C 180 33.30 -2.31 36.23
CA PRO C 180 34.26 -2.02 37.30
C PRO C 180 33.71 -2.29 38.70
N ARG C 187 35.94 -6.44 45.74
CA ARG C 187 36.28 -7.77 45.26
C ARG C 187 37.11 -7.66 44.00
N LYS C 188 36.61 -8.27 42.92
CA LYS C 188 37.30 -8.18 41.65
C LYS C 188 37.27 -6.70 41.26
N LYS C 189 38.08 -6.35 40.28
CA LYS C 189 38.19 -4.98 39.82
C LYS C 189 37.41 -4.72 38.53
N LEU C 190 37.42 -5.70 37.64
CA LEU C 190 36.76 -5.59 36.34
C LEU C 190 36.08 -6.91 35.97
N GLU C 191 34.75 -6.90 35.87
CA GLU C 191 34.02 -8.11 35.50
C GLU C 191 33.58 -8.01 34.03
N ARG C 192 33.80 -9.06 33.25
CA ARG C 192 33.39 -9.08 31.86
C ARG C 192 32.25 -10.08 31.68
N ILE C 193 31.04 -9.57 31.46
CA ILE C 193 29.89 -10.44 31.28
C ILE C 193 29.25 -10.20 29.92
N THR C 194 28.44 -11.15 29.48
CA THR C 194 27.74 -11.02 28.21
C THR C 194 26.27 -10.73 28.46
N VAL C 195 25.79 -9.63 27.91
CA VAL C 195 24.40 -9.22 28.10
C VAL C 195 23.62 -9.13 26.79
N ASP C 196 22.30 -9.22 26.90
CA ASP C 196 21.40 -9.10 25.77
C ASP C 196 20.67 -7.77 25.98
N ILE C 197 20.56 -6.98 24.92
CA ILE C 197 19.84 -5.72 24.96
C ILE C 197 18.54 -6.07 24.23
N TYR C 198 17.42 -6.00 24.95
CA TYR C 198 16.12 -6.32 24.37
C TYR C 198 15.24 -5.12 24.04
N ARG C 199 14.35 -5.33 23.07
CA ARG C 199 13.34 -4.35 22.70
C ARG C 199 12.06 -5.15 22.69
N PHE C 200 11.14 -4.79 23.58
CA PHE C 200 9.85 -5.46 23.69
C PHE C 200 8.79 -4.51 23.11
N SER C 201 7.74 -5.08 22.55
CA SER C 201 6.66 -4.29 21.98
C SER C 201 5.35 -4.99 22.36
N LYS C 202 4.32 -4.22 22.70
CA LYS C 202 3.04 -4.82 23.07
C LYS C 202 2.40 -5.42 21.81
N VAL C 203 2.08 -6.70 21.89
CA VAL C 203 1.52 -7.47 20.78
C VAL C 203 0.63 -6.78 19.74
N ILE C 204 -0.64 -6.50 20.07
CA ILE C 204 -1.53 -5.86 19.11
C ILE C 204 -1.56 -4.36 19.39
N ASN C 205 -1.79 -4.03 20.66
CA ASN C 205 -1.76 -2.65 21.16
C ASN C 205 -2.79 -1.57 20.80
N SER C 206 -3.71 -1.83 19.86
CA SER C 206 -4.72 -0.82 19.54
C SER C 206 -5.85 -0.93 20.56
N ARG C 207 -5.48 -0.89 21.83
CA ARG C 207 -6.39 -1.01 22.97
C ARG C 207 -7.45 -2.09 22.75
N MSE D 1 -26.32 -14.35 -25.78
CA MSE D 1 -26.09 -14.55 -24.32
C MSE D 1 -26.47 -13.18 -23.69
O MSE D 1 -25.60 -12.35 -23.41
CB MSE D 1 -24.61 -14.95 -24.07
CG MSE D 1 -24.20 -15.34 -22.60
SE MSE D 1 -24.43 -17.04 -21.87
CE MSE D 1 -24.83 -16.56 -20.20
N MSE D 2 -27.78 -12.95 -23.54
CA MSE D 2 -28.29 -11.69 -22.99
C MSE D 2 -27.51 -11.26 -21.75
O MSE D 2 -27.52 -11.95 -20.72
CB MSE D 2 -29.78 -11.87 -22.60
CG MSE D 2 -30.74 -10.83 -23.13
SE MSE D 2 -32.08 -10.53 -21.98
CE MSE D 2 -33.02 -12.03 -22.13
N THR D 3 -26.81 -10.14 -21.85
CA THR D 3 -26.00 -9.61 -20.74
C THR D 3 -26.87 -9.24 -19.54
N ARG D 4 -26.32 -9.44 -18.33
CA ARG D 4 -27.03 -9.10 -17.11
C ARG D 4 -27.67 -7.72 -17.18
N LYS D 5 -26.97 -6.78 -17.80
CA LYS D 5 -27.46 -5.43 -17.92
C LYS D 5 -28.73 -5.32 -18.79
N LYS D 6 -28.65 -5.84 -20.01
CA LYS D 6 -29.80 -5.81 -20.93
C LYS D 6 -30.97 -6.53 -20.27
N GLU D 7 -30.67 -7.56 -19.49
CA GLU D 7 -31.69 -8.32 -18.80
C GLU D 7 -32.42 -7.41 -17.80
N LEU D 8 -31.66 -6.59 -17.09
CA LEU D 8 -32.22 -5.68 -16.11
C LEU D 8 -33.09 -4.64 -16.82
N ALA D 9 -32.60 -4.10 -17.93
CA ALA D 9 -33.35 -3.11 -18.68
C ALA D 9 -34.68 -3.70 -19.14
N ILE D 10 -34.66 -4.94 -19.59
CA ILE D 10 -35.89 -5.58 -20.05
C ILE D 10 -36.87 -5.74 -18.90
N ALA D 11 -36.37 -6.19 -17.77
CA ALA D 11 -37.21 -6.39 -16.59
C ALA D 11 -37.79 -5.07 -16.11
N LEU D 12 -36.98 -4.01 -16.16
CA LEU D 12 -37.44 -2.70 -15.71
C LEU D 12 -38.49 -2.11 -16.64
N SER D 13 -38.45 -2.49 -17.92
CA SER D 13 -39.42 -1.96 -18.88
C SER D 13 -40.80 -2.59 -18.70
N LYS D 14 -40.87 -3.69 -17.95
CA LYS D 14 -42.14 -4.37 -17.72
C LYS D 14 -43.00 -3.72 -16.62
N LEU D 15 -42.42 -2.77 -15.89
CA LEU D 15 -43.15 -2.10 -14.81
C LEU D 15 -44.19 -1.13 -15.37
N LYS D 16 -45.26 -0.89 -14.60
CA LYS D 16 -46.33 0.01 -15.02
C LYS D 16 -45.88 1.46 -15.03
N GLY D 17 -46.39 2.25 -15.97
CA GLY D 17 -46.02 3.65 -16.05
C GLY D 17 -47.00 4.56 -15.33
N PHE D 18 -46.85 5.88 -15.50
CA PHE D 18 -47.73 6.86 -14.87
C PHE D 18 -49.16 6.77 -15.41
N LYS D 19 -50.15 6.83 -14.51
CA LYS D 19 -51.54 6.77 -14.95
C LYS D 19 -51.94 8.00 -15.76
N ASN D 20 -51.62 9.18 -15.22
CA ASN D 20 -51.93 10.46 -15.87
C ASN D 20 -50.74 11.38 -15.69
N PRO D 21 -49.70 11.21 -16.52
CA PRO D 21 -48.48 12.03 -16.44
C PRO D 21 -48.71 13.54 -16.35
N LYS D 22 -48.15 14.16 -15.33
CA LYS D 22 -48.24 15.61 -15.14
C LYS D 22 -46.98 16.21 -15.75
N VAL D 23 -47.12 16.76 -16.96
CA VAL D 23 -46.01 17.34 -17.68
C VAL D 23 -45.20 18.38 -16.92
N TRP D 24 -45.88 19.24 -16.18
CA TRP D 24 -45.18 20.29 -15.46
C TRP D 24 -44.31 19.76 -14.32
N LEU D 25 -44.41 18.46 -14.07
CA LEU D 25 -43.59 17.81 -13.04
C LEU D 25 -42.64 16.83 -13.74
N GLU D 26 -42.59 16.94 -15.07
CA GLU D 26 -41.75 16.08 -15.92
C GLU D 26 -41.90 14.62 -15.54
N GLN D 27 -43.14 14.13 -15.57
CA GLN D 27 -43.41 12.74 -15.22
C GLN D 27 -43.34 11.73 -16.37
N TYR D 28 -42.18 11.10 -16.51
CA TYR D 28 -41.97 10.07 -17.53
C TYR D 28 -41.15 9.03 -16.81
N ARG D 29 -41.50 7.76 -16.99
CA ARG D 29 -40.75 6.68 -16.34
C ARG D 29 -39.32 6.68 -16.87
N THR D 30 -38.36 6.36 -16.01
CA THR D 30 -36.97 6.32 -16.43
C THR D 30 -36.82 5.15 -17.42
N PRO D 31 -36.38 5.44 -18.65
CA PRO D 31 -36.21 4.38 -19.66
C PRO D 31 -35.34 3.26 -19.12
N GLY D 32 -35.71 2.03 -19.42
CA GLY D 32 -34.96 0.88 -18.95
C GLY D 32 -33.47 0.89 -19.22
N ASN D 33 -33.08 1.34 -20.41
CA ASN D 33 -31.67 1.36 -20.78
C ASN D 33 -30.86 2.29 -19.87
N ALA D 34 -31.31 3.54 -19.75
CA ALA D 34 -30.62 4.51 -18.91
C ALA D 34 -30.65 4.04 -17.45
N ALA D 35 -31.81 3.58 -17.00
CA ALA D 35 -31.96 3.09 -15.63
C ALA D 35 -30.96 1.98 -15.37
N SER D 36 -30.86 1.07 -16.33
CA SER D 36 -29.97 -0.07 -16.24
C SER D 36 -28.51 0.39 -16.15
N GLU D 37 -28.15 1.41 -16.94
CA GLU D 37 -26.78 1.92 -16.92
C GLU D 37 -26.43 2.51 -15.56
N LEU D 38 -27.31 3.36 -15.03
CA LEU D 38 -27.06 3.99 -13.75
C LEU D 38 -26.94 2.94 -12.63
N LEU D 39 -27.89 2.02 -12.58
CA LEU D 39 -27.90 1.00 -11.54
C LEU D 39 -26.74 0.01 -11.62
N TRP D 40 -26.39 -0.42 -12.83
CA TRP D 40 -25.30 -1.36 -12.95
C TRP D 40 -23.99 -0.70 -12.55
N LEU D 41 -23.82 0.57 -12.93
CA LEU D 41 -22.62 1.29 -12.56
C LEU D 41 -22.53 1.34 -11.02
N ALA D 42 -23.63 1.78 -10.38
CA ALA D 42 -23.67 1.87 -8.93
C ALA D 42 -23.42 0.52 -8.28
N TYR D 43 -24.05 -0.50 -8.84
CA TYR D 43 -23.89 -1.85 -8.33
C TYR D 43 -22.45 -2.32 -8.45
N SER D 44 -21.84 -2.09 -9.61
CA SER D 44 -20.47 -2.51 -9.86
C SER D 44 -19.46 -1.81 -8.95
N LEU D 45 -19.80 -0.65 -8.43
CA LEU D 45 -18.88 0.07 -7.56
C LEU D 45 -19.16 -0.23 -6.09
N GLY D 46 -20.11 -1.13 -5.83
CA GLY D 46 -20.45 -1.47 -4.47
C GLY D 46 -21.35 -0.44 -3.81
N ASP D 47 -22.06 0.34 -4.60
CA ASP D 47 -22.94 1.37 -4.07
C ASP D 47 -24.42 1.00 -4.02
N ILE D 48 -24.73 -0.29 -4.04
CA ILE D 48 -26.13 -0.68 -3.96
C ILE D 48 -26.41 -1.82 -3.00
N GLU D 49 -25.67 -2.90 -3.16
CA GLU D 49 -25.83 -4.09 -2.32
C GLU D 49 -25.68 -3.80 -0.83
N GLY D 50 -26.75 -4.04 -0.07
CA GLY D 50 -26.72 -3.82 1.36
C GLY D 50 -26.73 -2.37 1.82
N LYS D 51 -26.99 -1.46 0.89
CA LYS D 51 -27.01 -0.04 1.22
C LYS D 51 -28.42 0.53 1.41
N VAL D 52 -28.51 1.62 2.16
CA VAL D 52 -29.80 2.28 2.37
C VAL D 52 -29.83 3.30 1.24
N VAL D 53 -30.76 3.12 0.32
CA VAL D 53 -30.85 4.02 -0.83
C VAL D 53 -32.07 4.91 -0.88
N ALA D 54 -31.85 6.15 -1.27
CA ALA D 54 -32.96 7.08 -1.40
C ALA D 54 -33.14 7.36 -2.89
N ASP D 55 -34.38 7.21 -3.37
CA ASP D 55 -34.70 7.47 -4.76
C ASP D 55 -35.51 8.75 -4.80
N LEU D 56 -34.84 9.86 -5.12
CA LEU D 56 -35.51 11.15 -5.18
C LEU D 56 -36.28 11.31 -6.49
N GLY D 57 -37.56 11.63 -6.36
CA GLY D 57 -38.42 11.76 -7.52
C GLY D 57 -38.68 10.35 -8.01
N ALA D 58 -38.96 9.45 -7.07
CA ALA D 58 -39.20 8.04 -7.36
C ALA D 58 -40.24 7.73 -8.44
N GLY D 59 -41.21 8.62 -8.62
CA GLY D 59 -42.24 8.40 -9.63
C GLY D 59 -42.87 7.02 -9.58
N THR D 60 -42.68 6.27 -10.67
CA THR D 60 -43.21 4.93 -10.82
C THR D 60 -42.38 3.86 -10.09
N GLY D 61 -41.17 4.25 -9.69
CA GLY D 61 -40.30 3.30 -9.00
C GLY D 61 -39.31 2.47 -9.80
N VAL D 62 -39.05 2.87 -11.04
CA VAL D 62 -38.11 2.13 -11.90
C VAL D 62 -36.74 1.94 -11.22
N LEU D 63 -36.16 3.05 -10.78
CA LEU D 63 -34.86 3.03 -10.14
C LEU D 63 -34.89 2.29 -8.80
N SER D 64 -35.97 2.49 -8.04
CA SER D 64 -36.11 1.82 -6.75
C SER D 64 -36.22 0.32 -6.95
N TYR D 65 -37.02 -0.10 -7.92
CA TYR D 65 -37.19 -1.52 -8.22
C TYR D 65 -35.84 -2.15 -8.55
N GLY D 66 -35.12 -1.54 -9.48
CA GLY D 66 -33.82 -2.06 -9.88
C GLY D 66 -32.85 -2.17 -8.71
N ALA D 67 -32.83 -1.15 -7.87
CA ALA D 67 -31.95 -1.13 -6.70
C ALA D 67 -32.29 -2.31 -5.79
N LEU D 68 -33.58 -2.48 -5.51
CA LEU D 68 -34.03 -3.60 -4.68
C LEU D 68 -33.61 -4.90 -5.35
N LEU D 69 -33.88 -4.99 -6.64
CA LEU D 69 -33.53 -6.18 -7.41
C LEU D 69 -32.02 -6.44 -7.31
N LEU D 70 -31.23 -5.37 -7.22
CA LEU D 70 -29.78 -5.53 -7.14
C LEU D 70 -29.24 -5.69 -5.72
N GLY D 71 -30.13 -5.89 -4.76
CA GLY D 71 -29.68 -6.11 -3.40
C GLY D 71 -29.64 -4.96 -2.40
N ALA D 72 -30.35 -3.88 -2.68
CA ALA D 72 -30.36 -2.75 -1.74
C ALA D 72 -30.99 -3.24 -0.44
N LYS D 73 -30.43 -2.83 0.70
CA LYS D 73 -30.98 -3.25 1.99
C LYS D 73 -32.39 -2.69 2.07
N GLU D 74 -32.55 -1.43 1.70
CA GLU D 74 -33.85 -0.81 1.69
C GLU D 74 -33.79 0.46 0.86
N VAL D 75 -34.94 0.89 0.36
CA VAL D 75 -35.01 2.08 -0.45
C VAL D 75 -36.08 3.01 0.09
N ILE D 76 -35.79 4.30 0.10
CA ILE D 76 -36.75 5.28 0.56
C ILE D 76 -37.15 6.08 -0.67
N CYS D 77 -38.39 5.88 -1.11
CA CYS D 77 -38.90 6.56 -2.29
C CYS D 77 -39.48 7.91 -1.95
N VAL D 78 -38.91 8.98 -2.52
CA VAL D 78 -39.36 10.34 -2.30
C VAL D 78 -40.09 10.80 -3.56
N GLU D 79 -41.36 11.10 -3.40
CA GLU D 79 -42.20 11.50 -4.52
C GLU D 79 -43.28 12.45 -4.03
N VAL D 80 -43.48 13.55 -4.72
CA VAL D 80 -44.48 14.51 -4.29
C VAL D 80 -45.91 14.23 -4.80
N ASP D 81 -46.05 13.37 -5.80
CA ASP D 81 -47.36 13.05 -6.37
C ASP D 81 -47.92 11.72 -5.87
N LYS D 82 -49.01 11.78 -5.11
CA LYS D 82 -49.62 10.57 -4.57
C LYS D 82 -50.04 9.58 -5.66
N GLU D 83 -50.56 10.11 -6.77
CA GLU D 83 -51.00 9.27 -7.89
C GLU D 83 -49.86 8.44 -8.45
N ALA D 84 -48.65 8.95 -8.31
CA ALA D 84 -47.47 8.26 -8.79
C ALA D 84 -47.16 7.15 -7.80
N VAL D 85 -47.33 7.44 -6.51
CA VAL D 85 -47.04 6.45 -5.49
C VAL D 85 -47.96 5.24 -5.61
N ASP D 86 -49.17 5.44 -6.08
CA ASP D 86 -50.07 4.31 -6.23
C ASP D 86 -49.43 3.27 -7.16
N VAL D 87 -48.87 3.74 -8.28
CA VAL D 87 -48.21 2.86 -9.23
C VAL D 87 -46.93 2.33 -8.60
N LEU D 88 -46.25 3.19 -7.85
CA LEU D 88 -45.00 2.83 -7.18
C LEU D 88 -45.21 1.62 -6.29
N ILE D 89 -46.20 1.68 -5.41
CA ILE D 89 -46.46 0.56 -4.48
C ILE D 89 -46.72 -0.73 -5.21
N GLU D 90 -47.50 -0.65 -6.28
CA GLU D 90 -47.82 -1.83 -7.07
C GLU D 90 -46.56 -2.41 -7.68
N ASN D 91 -45.75 -1.55 -8.31
CA ASN D 91 -44.51 -2.00 -8.93
C ASN D 91 -43.55 -2.68 -7.98
N LEU D 92 -43.41 -2.15 -6.76
CA LEU D 92 -42.50 -2.73 -5.78
C LEU D 92 -43.14 -3.79 -4.90
N GLY D 93 -44.33 -4.24 -5.29
CA GLY D 93 -45.02 -5.24 -4.50
C GLY D 93 -44.21 -6.42 -4.03
N GLU D 94 -43.31 -6.94 -4.87
CA GLU D 94 -42.52 -8.10 -4.48
C GLU D 94 -41.42 -7.82 -3.47
N PHE D 95 -41.22 -6.55 -3.14
CA PHE D 95 -40.19 -6.18 -2.17
C PHE D 95 -40.84 -5.65 -0.90
N LYS D 96 -42.09 -6.04 -0.70
CA LYS D 96 -42.87 -5.61 0.46
C LYS D 96 -42.02 -5.51 1.73
N GLY D 97 -42.12 -4.37 2.41
CA GLY D 97 -41.37 -4.20 3.65
C GLY D 97 -39.93 -3.77 3.52
N LYS D 98 -39.42 -3.71 2.29
CA LYS D 98 -38.02 -3.30 2.09
C LYS D 98 -37.93 -1.89 1.55
N PHE D 99 -39.07 -1.26 1.32
CA PHE D 99 -39.08 0.12 0.82
C PHE D 99 -40.01 1.01 1.64
N LYS D 100 -39.71 2.30 1.66
CA LYS D 100 -40.48 3.28 2.40
C LYS D 100 -40.89 4.38 1.45
N VAL D 101 -41.98 5.05 1.75
CA VAL D 101 -42.49 6.09 0.86
C VAL D 101 -42.67 7.45 1.54
N PHE D 102 -42.00 8.46 1.00
CA PHE D 102 -42.08 9.80 1.54
C PHE D 102 -42.79 10.69 0.51
N ILE D 103 -44.06 10.99 0.76
CA ILE D 103 -44.83 11.82 -0.16
C ILE D 103 -44.79 13.27 0.28
N GLY D 104 -44.08 14.08 -0.50
CA GLY D 104 -43.95 15.49 -0.20
C GLY D 104 -42.86 16.04 -1.09
N ASP D 105 -42.58 17.33 -0.98
CA ASP D 105 -41.53 17.94 -1.80
C ASP D 105 -40.18 17.35 -1.38
N VAL D 106 -39.29 17.21 -2.36
CA VAL D 106 -37.98 16.66 -2.10
C VAL D 106 -37.23 17.45 -1.03
N SER D 107 -37.44 18.75 -0.97
CA SER D 107 -36.76 19.59 0.01
C SER D 107 -37.19 19.29 1.46
N GLU D 108 -38.38 18.71 1.61
CA GLU D 108 -38.93 18.38 2.91
C GLU D 108 -38.34 17.14 3.54
N PHE D 109 -37.79 16.26 2.71
CA PHE D 109 -37.19 15.03 3.18
C PHE D 109 -35.83 15.28 3.78
N ASN D 110 -35.53 14.66 4.91
CA ASN D 110 -34.24 14.87 5.53
C ASN D 110 -33.79 13.74 6.42
N SER D 111 -33.67 12.57 5.81
CA SER D 111 -33.21 11.38 6.49
C SER D 111 -31.88 11.04 5.82
N ARG D 112 -30.86 10.74 6.61
CA ARG D 112 -29.55 10.40 6.05
C ARG D 112 -29.56 9.00 5.49
N VAL D 113 -29.04 8.85 4.27
CA VAL D 113 -28.97 7.55 3.61
C VAL D 113 -27.54 7.29 3.16
N ASP D 114 -27.28 6.09 2.65
CA ASP D 114 -25.95 5.75 2.18
C ASP D 114 -25.75 6.20 0.74
N ILE D 115 -26.79 6.03 -0.06
CA ILE D 115 -26.71 6.38 -1.47
C ILE D 115 -27.97 7.02 -2.02
N VAL D 116 -27.80 7.95 -2.94
CA VAL D 116 -28.95 8.56 -3.59
C VAL D 116 -28.89 8.26 -5.08
N ILE D 117 -30.03 7.85 -5.62
CA ILE D 117 -30.14 7.58 -7.05
C ILE D 117 -31.33 8.44 -7.46
N MSE D 118 -31.25 9.10 -8.60
CA MSE D 118 -32.35 9.95 -9.03
C MSE D 118 -32.36 10.31 -10.51
O MSE D 118 -31.31 10.42 -11.14
CB MSE D 118 -32.39 11.25 -8.20
CG MSE D 118 -31.10 12.12 -8.15
SE MSE D 118 -31.28 13.66 -7.20
CE MSE D 118 -29.88 14.57 -7.78
N ASN D 119 -33.56 10.46 -11.05
CA ASN D 119 -33.79 10.89 -12.43
C ASN D 119 -34.67 12.09 -12.17
N PRO D 120 -34.09 13.18 -11.67
CA PRO D 120 -34.84 14.39 -11.35
C PRO D 120 -35.31 15.15 -12.59
N PRO D 121 -36.23 16.11 -12.40
CA PRO D 121 -36.69 16.85 -13.57
C PRO D 121 -35.50 17.68 -14.08
N PHE D 122 -35.43 17.84 -15.40
CA PHE D 122 -34.33 18.60 -16.01
C PHE D 122 -34.46 20.09 -15.73
N GLY D 123 -35.69 20.51 -15.43
CA GLY D 123 -35.94 21.91 -15.17
C GLY D 123 -36.32 22.60 -16.47
N SER D 124 -36.91 21.81 -17.38
CA SER D 124 -37.34 22.35 -18.67
C SER D 124 -38.78 22.84 -18.53
N GLN D 125 -39.53 22.25 -17.62
CA GLN D 125 -40.93 22.66 -17.42
C GLN D 125 -41.00 23.81 -16.43
N ARG D 126 -40.07 23.84 -15.47
CA ARG D 126 -40.02 24.92 -14.51
C ARG D 126 -38.58 25.23 -14.11
N LYS D 127 -38.25 26.52 -14.18
CA LYS D 127 -36.94 27.04 -13.86
C LYS D 127 -36.20 26.40 -12.69
N HIS D 128 -35.04 25.84 -12.98
CA HIS D 128 -34.17 25.24 -11.97
C HIS D 128 -34.83 24.22 -11.05
N ALA D 129 -35.75 23.44 -11.61
CA ALA D 129 -36.46 22.41 -10.86
C ALA D 129 -35.53 21.32 -10.35
N ASP D 130 -34.37 21.18 -10.98
CA ASP D 130 -33.41 20.15 -10.58
C ASP D 130 -32.55 20.52 -9.38
N ARG D 131 -32.39 21.82 -9.13
CA ARG D 131 -31.57 22.30 -8.03
C ARG D 131 -31.99 21.76 -6.65
N PRO D 132 -33.31 21.77 -6.33
CA PRO D 132 -33.72 21.26 -5.02
C PRO D 132 -33.32 19.79 -4.84
N PHE D 133 -33.28 19.04 -5.93
CA PHE D 133 -32.89 17.63 -5.86
C PHE D 133 -31.40 17.45 -5.60
N LEU D 134 -30.57 18.21 -6.32
CA LEU D 134 -29.11 18.14 -6.16
C LEU D 134 -28.76 18.59 -4.72
N LEU D 135 -29.35 19.69 -4.27
CA LEU D 135 -29.09 20.20 -2.93
C LEU D 135 -29.43 19.16 -1.87
N LYS D 136 -30.61 18.55 -1.98
CA LYS D 136 -31.03 17.55 -1.03
C LYS D 136 -30.14 16.32 -1.06
N ALA D 137 -29.85 15.84 -2.27
CA ALA D 137 -29.00 14.66 -2.41
C ALA D 137 -27.63 14.90 -1.76
N PHE D 138 -27.04 16.06 -2.03
CA PHE D 138 -25.73 16.37 -1.45
C PHE D 138 -25.83 16.46 0.08
N GLU D 139 -26.98 16.92 0.56
CA GLU D 139 -27.21 17.09 1.98
C GLU D 139 -27.37 15.77 2.76
N ILE D 140 -28.08 14.80 2.18
CA ILE D 140 -28.32 13.55 2.88
C ILE D 140 -27.47 12.34 2.54
N SER D 141 -26.54 12.48 1.59
CA SER D 141 -25.69 11.36 1.20
C SER D 141 -24.28 11.78 0.81
N ASP D 142 -23.36 10.83 0.81
CA ASP D 142 -21.97 11.10 0.41
C ASP D 142 -21.71 10.60 -1.01
N VAL D 143 -22.63 9.79 -1.54
CA VAL D 143 -22.54 9.25 -2.89
C VAL D 143 -23.88 9.50 -3.60
N VAL D 144 -23.83 10.20 -4.73
CA VAL D 144 -25.04 10.54 -5.49
C VAL D 144 -24.96 10.13 -6.97
N TYR D 145 -26.03 9.49 -7.46
CA TYR D 145 -26.16 9.06 -8.85
C TYR D 145 -27.34 9.83 -9.41
N SER D 146 -27.11 10.58 -10.48
CA SER D 146 -28.19 11.37 -11.07
C SER D 146 -28.12 11.38 -12.58
N ILE D 147 -29.17 11.90 -13.21
CA ILE D 147 -29.24 11.97 -14.67
C ILE D 147 -29.57 13.39 -15.06
N HIS D 148 -28.86 13.89 -16.07
CA HIS D 148 -29.04 15.26 -16.54
C HIS D 148 -28.84 15.36 -18.06
N LEU D 149 -29.36 16.43 -18.63
CA LEU D 149 -29.24 16.68 -20.07
C LEU D 149 -27.79 16.84 -20.49
N ALA D 150 -27.37 16.07 -21.49
CA ALA D 150 -26.00 16.13 -21.99
C ALA D 150 -25.77 17.39 -22.84
N LYS D 151 -25.89 18.56 -22.24
CA LYS D 151 -25.69 19.81 -22.95
C LYS D 151 -24.55 20.58 -22.30
N PRO D 152 -23.78 21.34 -23.10
CA PRO D 152 -22.65 22.11 -22.56
C PRO D 152 -22.94 23.00 -21.36
N GLU D 153 -24.04 23.76 -21.42
CA GLU D 153 -24.38 24.65 -20.32
C GLU D 153 -24.73 23.83 -19.08
N VAL D 154 -25.48 22.76 -19.26
CA VAL D 154 -25.86 21.92 -18.13
C VAL D 154 -24.61 21.30 -17.49
N ARG D 155 -23.76 20.70 -18.32
CA ARG D 155 -22.53 20.07 -17.83
C ARG D 155 -21.68 21.04 -17.01
N ARG D 156 -21.53 22.26 -17.52
CA ARG D 156 -20.74 23.24 -16.81
C ARG D 156 -21.39 23.59 -15.48
N PHE D 157 -22.73 23.68 -15.46
CA PHE D 157 -23.46 23.98 -14.24
C PHE D 157 -23.30 22.86 -13.22
N ILE D 158 -23.61 21.64 -13.64
CA ILE D 158 -23.51 20.48 -12.77
C ILE D 158 -22.13 20.37 -12.12
N GLU D 159 -21.08 20.55 -12.92
CA GLU D 159 -19.73 20.46 -12.40
C GLU D 159 -19.46 21.57 -11.37
N LYS D 160 -19.92 22.77 -11.68
CA LYS D 160 -19.75 23.94 -10.82
C LYS D 160 -20.58 23.84 -9.53
N PHE D 161 -21.85 23.49 -9.70
CA PHE D 161 -22.77 23.35 -8.59
C PHE D 161 -22.32 22.29 -7.58
N SER D 162 -22.00 21.11 -8.06
CA SER D 162 -21.55 20.04 -7.17
C SER D 162 -20.29 20.43 -6.41
N TRP D 163 -19.39 21.13 -7.09
CA TRP D 163 -18.14 21.56 -6.48
C TRP D 163 -18.40 22.52 -5.32
N GLU D 164 -19.24 23.52 -5.56
CA GLU D 164 -19.57 24.49 -4.54
C GLU D 164 -20.20 23.82 -3.33
N HIS D 165 -20.68 22.60 -3.48
CA HIS D 165 -21.31 21.91 -2.39
C HIS D 165 -20.49 20.75 -1.86
N GLY D 166 -19.19 20.79 -2.17
CA GLY D 166 -18.28 19.75 -1.69
C GLY D 166 -18.31 18.39 -2.34
N PHE D 167 -18.78 18.31 -3.59
CA PHE D 167 -18.82 17.03 -4.29
C PHE D 167 -18.06 17.09 -5.62
N VAL D 168 -17.52 15.96 -6.04
CA VAL D 168 -16.81 15.86 -7.30
C VAL D 168 -17.42 14.76 -8.14
N VAL D 169 -17.40 14.94 -9.46
CA VAL D 169 -17.92 13.96 -10.37
C VAL D 169 -16.83 12.90 -10.54
N THR D 170 -17.16 11.63 -10.29
CA THR D 170 -16.18 10.56 -10.45
C THR D 170 -16.43 9.78 -11.74
N HIS D 171 -17.70 9.74 -12.16
CA HIS D 171 -18.08 9.04 -13.39
C HIS D 171 -19.17 9.82 -14.10
N ARG D 172 -19.18 9.73 -15.43
CA ARG D 172 -20.19 10.39 -16.25
C ARG D 172 -20.35 9.56 -17.50
N LEU D 173 -21.49 8.89 -17.62
CA LEU D 173 -21.77 8.05 -18.77
C LEU D 173 -22.80 8.76 -19.63
N THR D 174 -22.54 8.80 -20.94
CA THR D 174 -23.45 9.46 -21.87
C THR D 174 -24.21 8.45 -22.71
N THR D 175 -25.53 8.58 -22.73
CA THR D 175 -26.40 7.69 -23.50
C THR D 175 -27.60 8.45 -24.04
N LYS D 176 -28.26 7.87 -25.04
CA LYS D 176 -29.43 8.46 -25.63
C LYS D 176 -30.63 7.65 -25.17
N ILE D 177 -31.67 8.36 -24.72
CA ILE D 177 -32.87 7.68 -24.27
C ILE D 177 -34.04 8.11 -25.14
N GLU D 178 -35.13 7.34 -25.09
CA GLU D 178 -36.32 7.68 -25.85
C GLU D 178 -37.45 7.80 -24.84
N ILE D 179 -37.85 9.05 -24.58
CA ILE D 179 -38.90 9.43 -23.60
C ILE D 179 -39.98 10.39 -24.14
N PRO D 180 -41.16 10.39 -23.50
CA PRO D 180 -42.29 11.25 -23.91
C PRO D 180 -42.37 12.63 -23.23
N LEU D 181 -43.53 13.26 -23.37
CA LEU D 181 -43.85 14.59 -22.84
C LEU D 181 -42.74 15.63 -22.89
N GLN D 182 -42.09 15.73 -24.04
CA GLN D 182 -41.04 16.70 -24.28
C GLN D 182 -41.61 17.75 -25.23
N PHE D 183 -42.67 17.38 -25.94
CA PHE D 183 -43.34 18.26 -26.90
C PHE D 183 -44.63 18.84 -26.33
N PHE D 184 -44.73 20.17 -26.37
CA PHE D 184 -45.90 20.89 -25.86
C PHE D 184 -47.19 20.54 -26.59
N PHE D 185 -47.12 20.38 -27.91
CA PHE D 185 -48.32 20.08 -28.70
C PHE D 185 -48.53 18.59 -28.94
N HIS D 186 -47.49 17.78 -28.72
CA HIS D 186 -47.56 16.34 -28.91
C HIS D 186 -46.84 15.68 -27.73
N ARG D 187 -47.58 15.51 -26.64
CA ARG D 187 -47.07 14.97 -25.38
C ARG D 187 -46.77 13.48 -25.25
N LYS D 188 -47.47 12.63 -25.98
CA LYS D 188 -47.21 11.19 -25.86
C LYS D 188 -46.19 10.77 -26.90
N LYS D 189 -45.77 11.73 -27.72
CA LYS D 189 -44.80 11.46 -28.77
C LYS D 189 -43.39 11.39 -28.19
N LEU D 190 -42.83 10.18 -28.22
CA LEU D 190 -41.49 9.95 -27.71
C LEU D 190 -40.43 10.76 -28.44
N GLU D 191 -39.49 11.31 -27.69
CA GLU D 191 -38.38 12.05 -28.27
C GLU D 191 -37.10 11.39 -27.78
N ARG D 192 -36.07 11.49 -28.60
CA ARG D 192 -34.78 10.92 -28.26
C ARG D 192 -33.81 12.01 -27.85
N ILE D 193 -33.43 12.00 -26.58
CA ILE D 193 -32.50 13.00 -26.10
C ILE D 193 -31.26 12.32 -25.53
N THR D 194 -30.19 13.09 -25.42
CA THR D 194 -28.93 12.58 -24.90
C THR D 194 -28.74 13.03 -23.47
N VAL D 195 -28.54 12.08 -22.56
CA VAL D 195 -28.34 12.45 -21.17
C VAL D 195 -27.04 11.90 -20.62
N ASP D 196 -26.60 12.49 -19.53
CA ASP D 196 -25.39 12.08 -18.83
C ASP D 196 -25.84 11.46 -17.50
N ILE D 197 -25.25 10.33 -17.16
CA ILE D 197 -25.52 9.66 -15.90
C ILE D 197 -24.29 10.00 -15.05
N TYR D 198 -24.50 10.73 -13.96
CA TYR D 198 -23.41 11.15 -13.08
C TYR D 198 -23.30 10.36 -11.78
N ARG D 199 -22.07 10.34 -11.27
CA ARG D 199 -21.80 9.75 -9.98
C ARG D 199 -20.98 10.83 -9.27
N PHE D 200 -21.53 11.38 -8.19
CA PHE D 200 -20.86 12.39 -7.41
C PHE D 200 -20.40 11.73 -6.11
N SER D 201 -19.23 12.11 -5.61
CA SER D 201 -18.70 11.57 -4.37
C SER D 201 -18.32 12.80 -3.54
N LYS D 202 -18.59 12.76 -2.25
CA LYS D 202 -18.29 13.91 -1.39
C LYS D 202 -16.79 14.05 -1.19
N VAL D 203 -16.28 15.25 -1.42
CA VAL D 203 -14.85 15.52 -1.29
C VAL D 203 -14.32 15.24 0.12
N ILE D 204 -13.25 14.46 0.18
CA ILE D 204 -12.58 14.05 1.42
C ILE D 204 -13.48 13.11 2.21
N SAH E . 13.41 -16.70 -3.32
CA SAH E . 14.13 -16.66 -2.02
CB SAH E . 14.65 -18.08 -1.74
CG SAH E . 13.58 -18.77 -0.99
SD SAH E . 13.67 -20.49 -0.46
C SAH E . 15.18 -15.59 -2.14
O SAH E . 15.03 -14.70 -3.04
OXT SAH E . 16.14 -15.70 -1.31
C5' SAH E . 15.38 -20.98 -0.57
C4' SAH E . 15.86 -21.82 -1.75
O4' SAH E . 16.60 -22.96 -1.26
C3' SAH E . 14.77 -22.50 -2.60
O3' SAH E . 14.70 -21.68 -3.79
C2' SAH E . 15.30 -23.89 -2.96
O2' SAH E . 15.25 -24.39 -4.28
C1' SAH E . 16.70 -23.88 -2.32
N9 SAH E . 17.14 -25.16 -1.80
C8 SAH E . 16.44 -26.14 -1.12
N7 SAH E . 17.17 -27.17 -0.77
C5 SAH E . 18.44 -26.87 -1.26
C6 SAH E . 19.69 -27.54 -1.21
N6 SAH E . 19.83 -28.75 -0.62
N1 SAH E . 20.80 -26.97 -1.80
C2 SAH E . 20.65 -25.77 -2.39
N3 SAH E . 19.52 -25.02 -2.50
C4 SAH E . 18.43 -25.64 -1.90
N SAH F . 4.19 4.42 -19.83
CA SAH F . 3.16 5.30 -20.40
CB SAH F . 3.88 6.42 -21.14
CG SAH F . 3.33 7.76 -20.74
SD SAH F . 4.03 9.32 -21.40
C SAH F . 2.21 4.52 -21.31
O SAH F . 2.23 3.25 -21.30
OXT SAH F . 1.51 5.22 -22.09
C5' SAH F . 3.57 9.35 -23.10
C4' SAH F . 4.66 9.17 -24.15
O4' SAH F . 4.43 10.11 -25.23
C3' SAH F . 6.10 9.53 -23.73
O3' SAH F . 6.72 8.23 -23.58
C2' SAH F . 6.72 10.24 -24.93
O2' SAH F . 8.03 9.93 -25.39
C1' SAH F . 5.61 10.13 -25.98
N9 SAH F . 5.55 11.23 -26.93
C8 SAH F . 5.59 12.59 -26.74
N7 SAH F . 5.49 13.29 -27.84
C5 SAH F . 5.37 12.33 -28.83
C6 SAH F . 5.22 12.40 -30.25
N6 SAH F . 5.16 13.58 -30.90
N1 SAH F . 5.14 11.24 -30.98
C2 SAH F . 5.19 10.07 -30.32
N3 SAH F . 5.34 9.86 -28.98
C4 SAH F . 5.42 11.05 -28.29
N SAH G . 23.43 4.27 35.61
CA SAH G . 22.62 3.05 35.40
CB SAH G . 22.40 2.39 36.76
CG SAH G . 22.29 0.89 36.62
SD SAH G . 22.06 -0.06 38.15
C SAH G . 21.29 3.36 34.67
O SAH G . 21.03 4.53 34.33
OXT SAH G . 20.55 2.35 34.46
C5' SAH G . 20.30 -0.10 38.42
C4' SAH G . 19.76 0.70 39.61
O4' SAH G . 18.52 0.11 40.07
C3' SAH G . 20.64 0.68 40.87
O3' SAH G . 21.30 1.96 40.88
C2' SAH G . 19.68 0.59 42.05
O2' SAH G . 19.82 1.48 43.13
C1' SAH G . 18.29 0.59 41.38
N9 SAH G . 17.34 -0.28 42.07
C8 SAH G . 17.51 -1.51 42.66
N7 SAH G . 16.42 -2.01 43.20
C5 SAH G . 15.46 -1.04 42.95
C6 SAH G . 14.07 -0.94 43.25
N6 SAH G . 13.41 -1.93 43.91
N1 SAH G . 13.37 0.16 42.86
C2 SAH G . 14.03 1.14 42.19
N3 SAH G . 15.35 1.17 41.85
C4 SAH G . 16.01 0.04 42.26
N SAH H . -40.79 8.04 -13.14
CA SAH H . -39.31 7.94 -13.25
CB SAH H . -38.70 9.26 -12.74
CG SAH H . -39.45 10.46 -13.28
SD SAH H . -38.76 12.04 -12.81
C SAH H . -38.85 6.73 -12.40
O SAH H . -39.57 5.69 -12.43
OXT SAH H . -37.78 6.90 -11.75
C5' SAH H . -40.09 13.10 -12.47
C4' SAH H . -40.72 12.99 -11.10
O4' SAH H . -40.23 14.08 -10.27
C3' SAH H . -42.22 13.19 -11.15
O3' SAH H . -42.76 11.87 -10.89
C2' SAH H . -42.57 14.12 -10.00
O2' SAH H . -43.66 13.83 -9.15
C1' SAH H . -41.21 14.32 -9.29
N9 SAH H . -41.06 15.65 -8.71
C8 SAH H . -41.09 16.89 -9.32
N7 SAH H . -40.90 17.88 -8.49
C5 SAH H . -40.73 17.26 -7.25
C6 SAH H . -40.47 17.76 -5.93
N6 SAH H . -40.35 19.07 -5.68
N1 SAH H . -40.36 16.87 -4.89
C2 SAH H . -40.47 15.55 -5.15
N3 SAH H . -40.71 14.96 -6.35
C4 SAH H . -40.83 15.89 -7.38
#